data_5I3E
#
_entry.id   5I3E
#
_cell.length_a   51.160
_cell.length_b   61.750
_cell.length_c   102.600
_cell.angle_alpha   90.000
_cell.angle_beta   92.120
_cell.angle_gamma   90.000
#
_symmetry.space_group_name_H-M   'P 1 21 1'
#
loop_
_entity.id
_entity.type
_entity.pdbx_description
1 polymer 'Putative deoxyribonuclease-2'
2 non-polymer 1,2-ETHANEDIOL
3 water water
#
_entity_poly.entity_id   1
_entity_poly.type   'polypeptide(L)'
_entity_poly.pdbx_seq_one_letter_code
;MAHHHHHHMAISPRDEQNRSVDLWFAYKVPKLTKDADSDSASGYEYVYYDRQVGAVQKSPNLMNDPKGALFYTLDSVFGD
PGDTTGWILYNDEMPADANRSNNATLGHTKGVIAFDIASSSALWLLHSWPKYASPSVPGVPTPLYGQTFLCLSLDLATAG
KLAAQMALHQQPQVYLPRTGGLDHTSPLYALTQPLNASAPGDSDSLDFKTRGGVPFKVIAKNRKWGKDFWNDLVGPTLKA
DMYVETWIRGKIPPVLDSDGVHKTYDIKFIDLRKLGAPWAWPETQDHAKWGITTTDNWVCVGDINRMVTQEKRGGGTIAF
QDPKLWKALCETDLIIPPPGKTDAQARAMIRKTHEPAE
;
_entity_poly.pdbx_strand_id   A,B
#
loop_
_chem_comp.id
_chem_comp.type
_chem_comp.name
_chem_comp.formula
EDO non-polymer 1,2-ETHANEDIOL 'C2 H6 O2'
#
# COMPACT_ATOMS: atom_id res chain seq x y z
N MET A 9 12.52 42.26 0.45
CA MET A 9 13.01 40.89 0.51
C MET A 9 12.38 40.13 1.68
N ALA A 10 11.22 40.61 2.14
CA ALA A 10 10.48 39.92 3.19
C ALA A 10 9.90 38.61 2.66
N ILE A 11 9.89 37.59 3.51
CA ILE A 11 9.44 36.26 3.10
C ILE A 11 7.95 36.30 2.84
N SER A 12 7.51 35.69 1.73
CA SER A 12 6.11 35.72 1.37
C SER A 12 5.83 34.68 0.30
N PRO A 13 4.65 34.09 0.28
CA PRO A 13 4.21 33.33 -0.90
C PRO A 13 4.34 34.21 -2.14
N ARG A 14 4.70 33.59 -3.26
CA ARG A 14 4.75 34.27 -4.54
C ARG A 14 3.68 33.67 -5.44
N ASP A 15 3.03 34.53 -6.25
CA ASP A 15 1.95 34.08 -7.11
C ASP A 15 2.52 33.61 -8.44
N GLU A 16 1.63 33.41 -9.42
CA GLU A 16 2.00 32.86 -10.73
C GLU A 16 2.86 33.81 -11.54
N GLN A 17 2.91 35.09 -11.19
CA GLN A 17 3.78 36.07 -11.85
C GLN A 17 4.92 36.51 -10.95
N ASN A 18 5.30 35.70 -9.98
CA ASN A 18 6.40 35.98 -9.05
C ASN A 18 6.19 37.26 -8.25
N ARG A 19 4.93 37.58 -7.94
CA ARG A 19 4.62 38.70 -7.08
C ARG A 19 4.20 38.20 -5.70
N SER A 20 4.53 38.97 -4.66
CA SER A 20 4.17 38.58 -3.31
C SER A 20 2.65 38.53 -3.16
N VAL A 21 2.16 37.47 -2.50
CA VAL A 21 0.74 37.27 -2.29
C VAL A 21 0.52 36.68 -0.90
N ASP A 22 -0.65 36.97 -0.32
CA ASP A 22 -0.94 36.59 1.06
C ASP A 22 -1.19 35.10 1.20
N LEU A 23 -1.71 34.46 0.15
CA LEU A 23 -2.21 33.09 0.24
C LEU A 23 -2.36 32.59 -1.19
N TRP A 24 -1.98 31.35 -1.43
CA TRP A 24 -2.39 30.72 -2.69
C TRP A 24 -2.66 29.24 -2.45
N PHE A 25 -3.47 28.69 -3.35
CA PHE A 25 -3.90 27.31 -3.33
C PHE A 25 -3.65 26.71 -4.70
N ALA A 26 -3.28 25.44 -4.74
CA ALA A 26 -3.17 24.75 -6.02
C ALA A 26 -3.70 23.33 -5.87
N TYR A 27 -4.29 22.84 -6.97
CA TYR A 27 -4.74 21.45 -7.08
C TYR A 27 -4.03 20.85 -8.28
N LYS A 28 -3.11 19.94 -8.02
CA LYS A 28 -2.32 19.28 -9.07
C LYS A 28 -3.02 18.01 -9.50
N VAL A 29 -3.03 17.76 -10.81
CA VAL A 29 -3.71 16.57 -11.35
C VAL A 29 -2.76 15.38 -11.30
N PRO A 30 -3.29 14.15 -11.31
CA PRO A 30 -2.42 12.98 -11.44
C PRO A 30 -1.99 12.75 -12.87
N LYS A 31 -0.96 11.92 -13.02
CA LYS A 31 -0.60 11.44 -14.34
C LYS A 31 -1.73 10.60 -14.92
N LEU A 32 -2.11 10.89 -16.15
CA LEU A 32 -3.26 10.28 -16.80
C LEU A 32 -2.86 9.87 -18.20
N THR A 33 -3.18 8.63 -18.59
CA THR A 33 -2.67 8.10 -19.86
C THR A 33 -3.77 7.90 -20.90
N LYS A 34 -3.38 8.01 -22.17
CA LYS A 34 -4.17 7.54 -23.30
C LYS A 34 -3.77 6.12 -23.71
N ASP A 35 -2.46 5.89 -23.91
CA ASP A 35 -1.95 4.54 -24.15
C ASP A 35 -0.48 4.54 -23.74
N ALA A 36 0.22 3.45 -24.08
CA ALA A 36 1.60 3.31 -23.64
C ALA A 36 2.51 4.39 -24.21
N ASP A 37 2.09 5.09 -25.27
CA ASP A 37 2.93 6.06 -25.95
C ASP A 37 2.50 7.50 -25.73
N SER A 38 1.31 7.75 -25.20
CA SER A 38 0.82 9.12 -25.03
C SER A 38 0.10 9.25 -23.69
N ASP A 39 0.33 10.37 -23.01
CA ASP A 39 -0.36 10.70 -21.78
C ASP A 39 -1.31 11.87 -22.02
N SER A 40 -2.48 11.84 -21.37
CA SER A 40 -3.35 13.00 -21.35
C SER A 40 -2.83 14.08 -20.41
N ALA A 41 -2.17 13.67 -19.34
CA ALA A 41 -1.63 14.60 -18.35
C ALA A 41 -0.35 14.02 -17.79
N SER A 42 0.68 14.86 -17.67
CA SER A 42 1.93 14.39 -17.11
C SER A 42 1.85 14.20 -15.59
N GLY A 43 0.89 14.84 -14.93
CA GLY A 43 0.85 14.87 -13.49
C GLY A 43 1.50 16.07 -12.88
N TYR A 44 1.89 17.07 -13.69
CA TYR A 44 2.35 18.34 -13.19
C TYR A 44 1.44 19.49 -13.56
N GLU A 45 0.35 19.24 -14.27
CA GLU A 45 -0.65 20.26 -14.53
C GLU A 45 -1.42 20.58 -13.25
N TYR A 46 -1.94 21.82 -13.16
CA TYR A 46 -2.66 22.19 -11.96
C TYR A 46 -3.62 23.33 -12.22
N VAL A 47 -4.61 23.46 -11.33
CA VAL A 47 -5.41 24.68 -11.22
C VAL A 47 -4.86 25.49 -10.05
N TYR A 48 -5.03 26.80 -10.16
CA TYR A 48 -4.45 27.75 -9.22
C TYR A 48 -5.53 28.69 -8.72
N TYR A 49 -5.38 29.15 -7.48
CA TYR A 49 -6.33 30.10 -6.90
C TYR A 49 -5.63 31.00 -5.91
N ASP A 50 -5.90 32.30 -6.00
CA ASP A 50 -5.65 33.22 -4.90
C ASP A 50 -6.77 34.23 -4.90
N ARG A 51 -6.80 35.08 -3.87
CA ARG A 51 -7.91 36.00 -3.77
C ARG A 51 -7.75 37.21 -4.66
N GLN A 52 -6.56 37.45 -5.21
CA GLN A 52 -6.38 38.55 -6.16
C GLN A 52 -6.94 38.18 -7.52
N VAL A 53 -6.62 36.99 -8.04
CA VAL A 53 -7.22 36.53 -9.29
CA VAL A 53 -7.22 36.57 -9.30
C VAL A 53 -8.70 36.26 -9.10
N GLY A 54 -9.09 35.79 -7.91
CA GLY A 54 -10.49 35.53 -7.61
C GLY A 54 -11.16 34.47 -8.47
N ALA A 55 -10.38 33.59 -9.11
CA ALA A 55 -10.95 32.53 -9.91
C ALA A 55 -10.07 31.29 -9.81
N VAL A 56 -10.70 30.14 -9.67
CA VAL A 56 -10.01 28.85 -9.70
C VAL A 56 -9.91 28.43 -11.16
N GLN A 57 -8.69 28.41 -11.70
CA GLN A 57 -8.52 28.20 -13.13
C GLN A 57 -7.21 27.45 -13.40
N LYS A 58 -7.20 26.73 -14.52
CA LYS A 58 -6.02 25.97 -14.92
C LYS A 58 -4.81 26.88 -15.13
N SER A 59 -3.68 26.48 -14.55
CA SER A 59 -2.45 27.24 -14.73
C SER A 59 -1.85 26.99 -16.12
N PRO A 60 -1.22 28.00 -16.72
CA PRO A 60 -0.45 27.75 -17.94
C PRO A 60 0.84 27.00 -17.70
N ASN A 61 1.26 26.86 -16.45
CA ASN A 61 2.54 26.27 -16.10
C ASN A 61 2.38 24.82 -15.67
N LEU A 62 3.51 24.11 -15.63
CA LEU A 62 3.63 22.84 -14.95
C LEU A 62 4.39 23.06 -13.65
N MET A 63 4.07 22.28 -12.62
CA MET A 63 4.66 22.56 -11.31
C MET A 63 6.17 22.31 -11.28
N ASN A 64 6.69 21.46 -12.16
CA ASN A 64 8.13 21.25 -12.25
C ASN A 64 8.83 22.24 -13.18
N ASP A 65 8.11 23.21 -13.74
CA ASP A 65 8.74 24.29 -14.49
C ASP A 65 9.55 25.19 -13.55
N PRO A 66 10.54 25.90 -14.08
CA PRO A 66 11.19 26.98 -13.34
C PRO A 66 10.38 28.28 -13.36
N LYS A 67 9.07 28.15 -13.15
CA LYS A 67 8.15 29.26 -13.05
C LYS A 67 6.83 28.70 -12.52
N GLY A 68 5.92 29.61 -12.18
CA GLY A 68 4.72 29.25 -11.46
C GLY A 68 4.89 29.48 -9.96
N ALA A 69 3.74 29.51 -9.27
CA ALA A 69 3.75 29.91 -7.86
C ALA A 69 4.63 29.00 -7.01
N LEU A 70 4.61 27.68 -7.26
CA LEU A 70 5.43 26.78 -6.44
C LEU A 70 6.91 27.09 -6.61
N PHE A 71 7.39 27.12 -7.86
CA PHE A 71 8.79 27.47 -8.08
C PHE A 71 9.13 28.85 -7.54
N TYR A 72 8.31 29.85 -7.88
CA TYR A 72 8.64 31.22 -7.48
C TYR A 72 8.68 31.35 -5.96
N THR A 73 7.77 30.67 -5.27
CA THR A 73 7.76 30.72 -3.82
C THR A 73 9.02 30.08 -3.23
N LEU A 74 9.32 28.84 -3.62
CA LEU A 74 10.46 28.15 -3.03
C LEU A 74 11.78 28.79 -3.46
N ASP A 75 11.87 29.26 -4.72
CA ASP A 75 13.11 29.88 -5.16
C ASP A 75 13.39 31.18 -4.41
N SER A 76 12.34 31.91 -4.01
CA SER A 76 12.52 33.12 -3.20
C SER A 76 13.08 32.81 -1.81
N VAL A 77 13.04 31.54 -1.40
CA VAL A 77 13.54 31.10 -0.10
C VAL A 77 14.93 30.49 -0.26
N PHE A 78 15.02 29.44 -1.09
CA PHE A 78 16.25 28.66 -1.22
C PHE A 78 17.27 29.30 -2.14
N GLY A 79 16.83 30.17 -3.05
CA GLY A 79 17.69 30.60 -4.15
C GLY A 79 18.89 31.40 -3.70
N ASP A 80 18.65 32.44 -2.90
CA ASP A 80 19.72 33.35 -2.46
C ASP A 80 19.39 33.90 -1.08
N PRO A 81 19.41 33.06 -0.05
CA PRO A 81 18.94 33.48 1.27
C PRO A 81 19.91 34.46 1.94
N GLY A 82 19.34 35.46 2.60
CA GLY A 82 20.12 36.31 3.47
C GLY A 82 20.57 35.56 4.71
N ASP A 83 21.50 36.19 5.45
CA ASP A 83 22.07 35.55 6.63
C ASP A 83 21.05 35.35 7.74
N THR A 84 19.91 36.03 7.69
CA THR A 84 18.86 35.86 8.67
C THR A 84 17.70 35.04 8.15
N THR A 85 17.80 34.52 6.93
CA THR A 85 16.78 33.66 6.35
C THR A 85 17.05 32.22 6.76
N GLY A 86 16.00 31.50 7.11
CA GLY A 86 16.14 30.12 7.50
C GLY A 86 14.88 29.35 7.15
N TRP A 87 14.89 28.05 7.45
CA TRP A 87 13.74 27.25 7.10
C TRP A 87 13.73 25.97 7.89
N ILE A 88 12.51 25.48 8.14
CA ILE A 88 12.28 24.18 8.73
CA ILE A 88 12.29 24.17 8.72
C ILE A 88 11.58 23.33 7.67
N LEU A 89 12.18 22.21 7.32
CA LEU A 89 11.57 21.25 6.39
C LEU A 89 11.13 20.03 7.17
N TYR A 90 9.99 19.45 6.80
CA TYR A 90 9.57 18.22 7.47
C TYR A 90 8.79 17.34 6.51
N ASN A 91 8.86 16.04 6.76
CA ASN A 91 8.22 15.03 5.93
C ASN A 91 8.36 13.69 6.63
N ASP A 92 7.28 12.91 6.65
CA ASP A 92 7.40 11.58 7.25
C ASP A 92 8.25 10.66 6.39
N GLU A 93 8.41 10.98 5.11
CA GLU A 93 9.33 10.30 4.21
C GLU A 93 10.39 11.31 3.79
N MET A 94 11.56 11.28 4.43
CA MET A 94 12.54 12.31 4.14
C MET A 94 13.17 12.09 2.77
N PRO A 95 13.59 13.17 2.10
CA PRO A 95 14.28 13.01 0.82
C PRO A 95 15.63 12.34 0.99
N ALA A 96 16.16 11.84 -0.13
CA ALA A 96 17.39 11.06 -0.08
C ALA A 96 18.56 11.86 0.48
N ASP A 97 18.63 13.16 0.17
CA ASP A 97 19.78 13.92 0.64
C ASP A 97 19.73 14.25 2.12
N ALA A 98 18.71 13.80 2.85
CA ALA A 98 18.76 13.83 4.32
C ALA A 98 19.60 12.68 4.89
N ASN A 99 19.76 11.59 4.13
CA ASN A 99 20.65 10.48 4.51
C ASN A 99 20.31 9.92 5.89
N ARG A 100 19.01 9.78 6.17
CA ARG A 100 18.54 9.36 7.48
C ARG A 100 17.33 8.45 7.32
N SER A 101 17.24 7.42 8.17
CA SER A 101 16.06 6.56 8.17
C SER A 101 14.87 7.25 8.82
N ASN A 102 13.67 6.97 8.29
CA ASN A 102 12.46 7.59 8.79
C ASN A 102 12.02 7.00 10.13
N ASN A 103 11.49 7.85 10.97
CA ASN A 103 10.94 7.49 12.27
C ASN A 103 9.43 7.41 12.11
N ALA A 104 8.87 6.20 12.10
CA ALA A 104 7.45 6.03 11.83
C ALA A 104 6.56 6.45 13.00
N THR A 105 7.10 6.84 14.13
CA THR A 105 6.27 7.33 15.23
C THR A 105 5.98 8.82 15.15
N LEU A 106 6.69 9.53 14.28
CA LEU A 106 6.48 10.96 14.09
C LEU A 106 5.29 11.16 13.14
N GLY A 107 4.87 12.42 12.99
CA GLY A 107 3.62 12.68 12.28
C GLY A 107 3.67 12.52 10.77
N HIS A 108 2.47 12.46 10.17
CA HIS A 108 2.31 12.44 8.71
C HIS A 108 2.64 13.77 8.04
N THR A 109 2.86 14.81 8.81
CA THR A 109 2.86 16.16 8.29
C THR A 109 4.04 16.39 7.35
N LYS A 110 3.78 17.11 6.26
CA LYS A 110 4.78 17.49 5.28
C LYS A 110 4.68 18.98 5.01
N GLY A 111 5.80 19.66 4.89
CA GLY A 111 5.70 21.07 4.58
C GLY A 111 7.01 21.79 4.80
N VAL A 112 6.93 23.11 4.61
CA VAL A 112 8.06 24.02 4.73
C VAL A 112 7.60 25.25 5.50
N ILE A 113 8.31 25.59 6.57
CA ILE A 113 8.16 26.88 7.22
C ILE A 113 9.44 27.66 6.99
N ALA A 114 9.36 28.76 6.28
CA ALA A 114 10.52 29.58 5.99
C ALA A 114 10.38 30.93 6.66
N PHE A 115 11.50 31.56 6.98
CA PHE A 115 11.41 32.78 7.78
C PHE A 115 12.66 33.62 7.56
N ASP A 116 12.53 34.90 7.91
CA ASP A 116 13.66 35.83 7.95
C ASP A 116 13.54 36.65 9.22
N ILE A 117 14.52 36.53 10.11
CA ILE A 117 14.40 37.16 11.41
C ILE A 117 14.50 38.68 11.29
N ALA A 118 15.36 39.16 10.39
CA ALA A 118 15.58 40.61 10.28
C ALA A 118 14.29 41.34 9.91
N SER A 119 13.45 40.73 9.08
CA SER A 119 12.19 41.32 8.65
C SER A 119 10.97 40.77 9.37
N SER A 120 11.17 39.84 10.32
CA SER A 120 10.09 39.26 11.12
C SER A 120 9.00 38.67 10.24
N SER A 121 9.40 38.07 9.11
CA SER A 121 8.46 37.56 8.12
C SER A 121 8.61 36.05 7.97
N ALA A 122 7.57 35.41 7.44
CA ALA A 122 7.60 33.96 7.28
C ALA A 122 6.54 33.54 6.27
N LEU A 123 6.70 32.31 5.77
CA LEU A 123 5.64 31.69 4.99
C LEU A 123 5.55 30.23 5.41
N TRP A 124 4.39 29.64 5.12
CA TRP A 124 4.13 28.23 5.39
C TRP A 124 3.64 27.62 4.10
N LEU A 125 4.36 26.62 3.58
CA LEU A 125 3.88 25.84 2.46
C LEU A 125 3.46 24.46 2.95
N LEU A 126 2.19 24.10 2.73
CA LEU A 126 1.67 22.76 2.97
C LEU A 126 1.60 22.01 1.65
N HIS A 127 2.12 20.78 1.62
CA HIS A 127 2.05 19.93 0.44
C HIS A 127 1.92 18.50 0.94
N SER A 128 1.72 17.55 0.01
CA SER A 128 1.62 16.15 0.39
C SER A 128 2.60 15.25 -0.37
N TRP A 129 3.66 15.82 -0.96
CA TRP A 129 4.64 14.99 -1.66
C TRP A 129 5.58 14.30 -0.68
N PRO A 130 5.70 12.97 -0.73
CA PRO A 130 6.81 12.32 -0.03
C PRO A 130 8.14 12.83 -0.57
N LYS A 131 9.17 12.81 0.29
CA LYS A 131 10.55 13.04 -0.11
C LYS A 131 10.74 14.43 -0.73
N TYR A 132 10.20 15.45 -0.07
CA TYR A 132 10.12 16.79 -0.63
C TYR A 132 9.82 17.74 0.54
N ALA A 133 10.44 18.92 0.60
CA ALA A 133 11.36 19.44 -0.40
C ALA A 133 12.81 19.30 0.03
N SER A 134 13.71 19.56 -0.91
CA SER A 134 15.13 19.63 -0.63
CA SER A 134 15.14 19.62 -0.66
C SER A 134 15.65 21.02 -1.01
N PRO A 135 16.46 21.63 -0.16
CA PRO A 135 16.90 23.01 -0.46
C PRO A 135 17.86 23.10 -1.64
N SER A 136 18.50 22.01 -2.04
CA SER A 136 19.48 22.06 -3.11
C SER A 136 19.11 21.25 -4.34
N VAL A 137 18.34 20.18 -4.20
CA VAL A 137 18.01 19.32 -5.34
C VAL A 137 16.73 19.78 -6.03
N VAL A 140 12.88 15.01 -7.94
CA VAL A 140 11.69 14.81 -8.76
C VAL A 140 10.60 14.13 -7.96
N PRO A 141 9.63 14.89 -7.47
CA PRO A 141 8.54 14.27 -6.71
C PRO A 141 7.56 13.57 -7.65
N THR A 142 6.94 12.52 -7.12
CA THR A 142 6.07 11.67 -7.90
C THR A 142 4.95 12.47 -8.56
N PRO A 143 4.66 12.25 -9.85
CA PRO A 143 3.53 12.92 -10.49
C PRO A 143 2.24 12.11 -10.49
N LEU A 144 2.17 11.00 -9.77
CA LEU A 144 1.12 10.02 -9.99
C LEU A 144 -0.21 10.35 -9.35
N TYR A 145 -0.29 11.35 -8.46
CA TYR A 145 -1.52 11.54 -7.67
C TYR A 145 -2.05 12.96 -7.77
N GLY A 146 -3.37 13.09 -7.73
CA GLY A 146 -3.96 14.39 -7.44
C GLY A 146 -3.54 14.87 -6.06
N GLN A 147 -3.18 16.14 -5.95
CA GLN A 147 -2.70 16.67 -4.67
C GLN A 147 -3.15 18.11 -4.52
N THR A 148 -3.23 18.56 -3.27
CA THR A 148 -3.49 19.97 -3.01
C THR A 148 -2.31 20.62 -2.30
N PHE A 149 -2.24 21.94 -2.47
CA PHE A 149 -1.19 22.78 -1.90
C PHE A 149 -1.84 24.01 -1.30
N LEU A 150 -1.27 24.50 -0.20
CA LEU A 150 -1.70 25.77 0.36
C LEU A 150 -0.47 26.49 0.89
N CYS A 151 -0.40 27.80 0.64
CA CYS A 151 0.79 28.58 1.00
C CYS A 151 0.33 29.87 1.65
N LEU A 152 0.78 30.14 2.87
CA LEU A 152 0.28 31.24 3.68
C LEU A 152 1.41 32.17 4.11
N SER A 153 1.13 33.47 4.09
CA SER A 153 2.04 34.50 4.60
C SER A 153 1.79 34.69 6.09
N LEU A 154 2.85 34.57 6.90
CA LEU A 154 2.74 34.64 8.35
C LEU A 154 3.75 35.64 8.89
N ASP A 155 3.44 36.21 10.04
CA ASP A 155 4.51 36.90 10.75
C ASP A 155 5.27 35.90 11.61
N LEU A 156 6.42 36.33 12.13
CA LEU A 156 7.30 35.41 12.86
C LEU A 156 6.63 34.90 14.13
N ALA A 157 5.87 35.77 14.81
CA ALA A 157 5.17 35.32 16.02
C ALA A 157 4.17 34.21 15.70
N THR A 158 3.42 34.36 14.61
CA THR A 158 2.48 33.32 14.22
C THR A 158 3.20 32.03 13.84
N ALA A 159 4.28 32.14 13.07
CA ALA A 159 5.04 30.93 12.74
C ALA A 159 5.54 30.24 13.99
N GLY A 160 5.89 30.99 15.03
CA GLY A 160 6.36 30.36 16.26
C GLY A 160 5.24 29.69 17.04
N LYS A 161 4.06 30.31 17.05
CA LYS A 161 2.91 29.68 17.70
C LYS A 161 2.54 28.38 16.99
N LEU A 162 2.64 28.37 15.67
CA LEU A 162 2.43 27.15 14.90
C LEU A 162 3.50 26.12 15.21
N ALA A 163 4.76 26.54 15.30
CA ALA A 163 5.84 25.62 15.63
C ALA A 163 5.63 24.99 17.01
N ALA A 164 5.13 25.78 17.97
CA ALA A 164 4.88 25.25 19.31
C ALA A 164 3.77 24.20 19.29
N GLN A 165 2.73 24.40 18.49
CA GLN A 165 1.71 23.36 18.36
C GLN A 165 2.30 22.11 17.73
N MET A 166 3.10 22.28 16.68
CA MET A 166 3.66 21.12 16.01
C MET A 166 4.56 20.32 16.95
N ALA A 167 5.28 21.00 17.83
CA ALA A 167 6.19 20.28 18.72
C ALA A 167 5.45 19.34 19.66
N LEU A 168 4.18 19.65 19.95
CA LEU A 168 3.35 18.87 20.86
C LEU A 168 2.46 17.83 20.16
N HIS A 169 1.84 18.17 19.03
CA HIS A 169 0.76 17.35 18.47
C HIS A 169 1.14 16.72 17.15
N GLN A 170 1.31 17.50 16.07
CA GLN A 170 1.66 16.89 14.80
C GLN A 170 2.98 16.14 14.89
N GLN A 171 3.91 16.68 15.66
CA GLN A 171 5.27 16.16 15.81
C GLN A 171 5.89 15.80 14.45
N PRO A 172 6.06 16.77 13.57
CA PRO A 172 6.61 16.49 12.24
C PRO A 172 8.06 16.05 12.32
N GLN A 173 8.46 15.28 11.31
CA GLN A 173 9.82 14.77 11.22
C GLN A 173 10.66 15.80 10.44
N VAL A 174 11.50 16.57 11.18
CA VAL A 174 12.26 17.68 10.64
C VAL A 174 13.59 17.19 10.08
N TYR A 175 14.04 17.82 8.99
CA TYR A 175 15.31 17.47 8.38
C TYR A 175 15.87 18.70 7.70
N LEU A 176 17.21 18.70 7.53
CA LEU A 176 18.01 19.74 6.90
C LEU A 176 17.51 21.15 7.24
N PRO A 177 17.32 21.48 8.51
CA PRO A 177 16.92 22.85 8.84
C PRO A 177 18.04 23.85 8.64
N ARG A 178 17.66 25.10 8.45
CA ARG A 178 18.58 26.23 8.43
C ARG A 178 18.04 27.25 9.41
N THR A 179 18.81 27.55 10.46
CA THR A 179 18.28 28.39 11.52
C THR A 179 18.36 29.87 11.21
N GLY A 180 19.21 30.27 10.27
CA GLY A 180 19.38 31.69 9.99
C GLY A 180 19.80 32.50 11.20
N GLY A 181 20.45 31.87 12.17
CA GLY A 181 20.84 32.56 13.38
C GLY A 181 19.77 32.68 14.43
N LEU A 182 18.72 31.86 14.36
CA LEU A 182 17.66 31.89 15.36
C LEU A 182 18.21 31.76 16.77
N ASP A 183 17.64 32.54 17.68
CA ASP A 183 17.92 32.35 19.10
C ASP A 183 17.36 31.01 19.55
N HIS A 184 18.13 30.30 20.38
CA HIS A 184 17.76 28.94 20.72
C HIS A 184 16.51 28.85 21.59
N THR A 185 16.04 29.95 22.17
CA THR A 185 14.78 29.95 22.91
C THR A 185 13.55 30.07 22.01
N SER A 186 13.73 30.22 20.70
CA SER A 186 12.60 30.36 19.80
C SER A 186 11.86 29.03 19.64
N PRO A 187 10.52 29.05 19.55
CA PRO A 187 9.80 27.80 19.21
C PRO A 187 10.19 27.26 17.85
N LEU A 188 10.59 28.14 16.92
CA LEU A 188 11.09 27.68 15.63
C LEU A 188 12.38 26.89 15.81
N TYR A 189 13.27 27.34 16.69
CA TYR A 189 14.49 26.57 16.94
C TYR A 189 14.16 25.24 17.60
N ALA A 190 13.22 25.24 18.54
CA ALA A 190 12.84 24.00 19.21
C ALA A 190 12.31 22.97 18.23
N LEU A 191 11.64 23.42 17.17
CA LEU A 191 11.15 22.48 16.19
C LEU A 191 12.29 21.72 15.50
N THR A 192 13.51 22.24 15.53
CA THR A 192 14.66 21.56 14.93
C THR A 192 15.33 20.58 15.87
N GLN A 193 14.96 20.57 17.13
CA GLN A 193 15.51 19.70 18.16
C GLN A 193 14.61 18.50 18.37
N PRO A 194 15.08 17.48 19.08
CA PRO A 194 14.22 16.31 19.33
C PRO A 194 12.91 16.71 20.01
N LEU A 195 11.82 16.09 19.56
CA LEU A 195 10.47 16.39 20.03
C LEU A 195 10.10 15.42 21.13
N ASN A 196 10.28 15.83 22.39
CA ASN A 196 10.04 14.96 23.53
C ASN A 196 8.89 15.37 24.42
N ALA A 197 8.31 16.56 24.21
CA ALA A 197 7.24 17.01 25.08
C ALA A 197 6.03 16.08 24.97
N SER A 198 5.36 15.87 26.09
CA SER A 198 4.14 15.07 26.13
C SER A 198 2.95 15.98 25.89
N ALA A 199 2.12 15.59 25.03
CA ALA A 199 0.97 16.43 24.73
C ALA A 199 -0.20 16.10 25.65
N PRO A 200 -0.90 17.10 26.17
CA PRO A 200 -2.12 16.83 26.94
C PRO A 200 -3.29 16.60 25.99
N GLY A 201 -4.01 15.50 26.21
CA GLY A 201 -5.10 15.14 25.34
C GLY A 201 -4.61 14.60 24.02
N ASP A 202 -5.56 14.36 23.11
CA ASP A 202 -5.24 13.74 21.84
C ASP A 202 -5.41 14.68 20.64
N SER A 203 -5.72 15.95 20.86
CA SER A 203 -5.92 16.87 19.74
C SER A 203 -5.84 18.31 20.23
N ASP A 204 -5.78 19.23 19.28
CA ASP A 204 -5.62 20.65 19.57
C ASP A 204 -6.08 21.44 18.36
N SER A 205 -6.61 22.63 18.61
CA SER A 205 -7.00 23.53 17.54
C SER A 205 -6.62 24.95 17.94
N LEU A 206 -6.05 25.68 16.99
CA LEU A 206 -5.61 27.05 17.23
C LEU A 206 -6.11 27.97 16.13
N ASP A 207 -6.43 29.21 16.50
CA ASP A 207 -6.79 30.25 15.55
C ASP A 207 -5.58 31.09 15.18
N PHE A 208 -5.46 31.42 13.90
CA PHE A 208 -4.39 32.28 13.40
C PHE A 208 -4.96 33.23 12.36
N LYS A 209 -4.12 34.17 11.92
CA LYS A 209 -4.40 34.99 10.74
C LYS A 209 -3.15 35.08 9.90
N THR A 210 -3.34 35.25 8.59
CA THR A 210 -2.22 35.59 7.72
C THR A 210 -1.79 37.03 7.96
N ARG A 211 -0.66 37.42 7.38
CA ARG A 211 -0.27 38.83 7.47
C ARG A 211 -1.33 39.73 6.88
N GLY A 212 -2.02 39.25 5.83
CA GLY A 212 -3.11 39.99 5.23
C GLY A 212 -4.43 39.95 5.97
N GLY A 213 -4.48 39.28 7.12
CA GLY A 213 -5.66 39.30 7.96
C GLY A 213 -6.64 38.18 7.74
N VAL A 214 -6.29 37.15 6.96
CA VAL A 214 -7.20 36.06 6.65
C VAL A 214 -7.22 35.08 7.81
N PRO A 215 -8.34 34.92 8.51
CA PRO A 215 -8.39 33.93 9.60
C PRO A 215 -8.28 32.52 9.05
N PHE A 216 -7.48 31.70 9.76
CA PHE A 216 -7.49 30.27 9.50
C PHE A 216 -7.30 29.53 10.81
N LYS A 217 -7.66 28.25 10.81
CA LYS A 217 -7.44 27.38 11.95
C LYS A 217 -6.46 26.29 11.56
N VAL A 218 -5.65 25.84 12.52
CA VAL A 218 -4.87 24.63 12.35
C VAL A 218 -5.41 23.63 13.36
N ILE A 219 -5.99 22.56 12.84
CA ILE A 219 -6.69 21.56 13.63
C ILE A 219 -5.86 20.30 13.58
N ALA A 220 -5.35 19.87 14.75
CA ALA A 220 -4.34 18.82 14.79
C ALA A 220 -4.78 17.68 15.70
N LYS A 221 -4.41 16.46 15.31
CA LYS A 221 -4.47 15.29 16.17
C LYS A 221 -3.05 14.89 16.54
N ASN A 222 -2.90 14.22 17.67
CA ASN A 222 -1.59 13.63 17.96
C ASN A 222 -1.70 12.11 17.92
N ARG A 223 -0.63 11.43 18.32
CA ARG A 223 -0.56 9.99 18.11
C ARG A 223 -1.50 9.22 19.04
N LYS A 224 -2.09 9.86 20.04
CA LYS A 224 -3.05 9.17 20.90
C LYS A 224 -4.47 9.20 20.33
N TRP A 225 -4.69 9.95 19.25
CA TRP A 225 -6.02 10.06 18.66
C TRP A 225 -6.39 8.77 17.92
N GLY A 226 -7.59 8.27 18.19
CA GLY A 226 -8.03 7.06 17.50
C GLY A 226 -9.45 7.13 16.94
N LYS A 227 -10.02 8.33 16.89
CA LYS A 227 -11.38 8.53 16.42
C LYS A 227 -11.35 8.99 14.95
N ASP A 228 -12.49 9.48 14.46
CA ASP A 228 -12.60 9.97 13.08
C ASP A 228 -12.09 11.40 13.04
N PHE A 229 -10.92 11.61 12.43
CA PHE A 229 -10.34 12.96 12.38
C PHE A 229 -11.33 13.98 11.84
N TRP A 230 -12.08 13.61 10.80
CA TRP A 230 -12.94 14.57 10.13
C TRP A 230 -14.25 14.78 10.90
N ASN A 231 -14.96 13.72 11.24
CA ASN A 231 -16.29 13.87 11.82
C ASN A 231 -16.25 14.11 13.32
N ASP A 232 -15.21 13.64 14.00
CA ASP A 232 -15.11 13.78 15.45
C ASP A 232 -14.22 14.94 15.91
N LEU A 233 -13.36 15.47 15.04
CA LEU A 233 -12.53 16.62 15.41
C LEU A 233 -12.78 17.83 14.53
N VAL A 234 -12.59 17.72 13.20
CA VAL A 234 -12.64 18.90 12.35
C VAL A 234 -14.05 19.51 12.33
N GLY A 235 -15.05 18.71 11.93
CA GLY A 235 -16.42 19.16 11.91
C GLY A 235 -16.85 19.86 13.19
N PRO A 236 -16.71 19.18 14.34
CA PRO A 236 -17.09 19.83 15.61
C PRO A 236 -16.32 21.09 15.90
N THR A 237 -15.04 21.17 15.50
CA THR A 237 -14.25 22.37 15.74
C THR A 237 -14.76 23.53 14.89
N LEU A 238 -15.21 23.25 13.67
CA LEU A 238 -15.72 24.27 12.79
C LEU A 238 -17.20 24.58 13.03
N LYS A 239 -17.85 23.85 13.94
CA LYS A 239 -19.30 23.95 14.15
C LYS A 239 -20.05 23.79 12.82
N ALA A 240 -19.60 22.83 12.02
CA ALA A 240 -20.23 22.53 10.76
C ALA A 240 -20.06 21.05 10.50
N ASP A 241 -20.84 20.52 9.57
CA ASP A 241 -20.69 19.14 9.17
C ASP A 241 -19.74 19.05 7.98
N MET A 242 -18.80 18.11 8.04
CA MET A 242 -18.00 17.81 6.87
C MET A 242 -18.88 17.19 5.79
N TYR A 243 -18.64 17.61 4.54
CA TYR A 243 -19.34 17.04 3.39
C TYR A 243 -18.62 15.74 3.01
N VAL A 244 -19.12 14.62 3.54
CA VAL A 244 -18.44 13.33 3.38
C VAL A 244 -19.26 12.32 2.61
N GLU A 245 -20.49 12.66 2.21
CA GLU A 245 -21.45 11.69 1.67
CA GLU A 245 -21.38 11.59 1.75
C GLU A 245 -20.88 10.91 0.49
N THR A 246 -20.06 11.56 -0.34
CA THR A 246 -19.51 10.87 -1.51
C THR A 246 -18.01 10.58 -1.38
N TRP A 247 -17.45 10.66 -0.19
CA TRP A 247 -16.04 10.34 0.01
C TRP A 247 -15.79 8.86 -0.18
N ILE A 248 -14.66 8.52 -0.81
CA ILE A 248 -14.12 7.16 -0.74
C ILE A 248 -13.35 7.06 0.59
N ARG A 249 -13.82 6.22 1.51
CA ARG A 249 -13.16 6.07 2.81
C ARG A 249 -12.66 4.65 3.02
N GLY A 250 -12.70 3.82 1.98
CA GLY A 250 -12.19 2.47 2.05
C GLY A 250 -12.16 1.91 0.66
N LYS A 251 -11.88 0.60 0.57
CA LYS A 251 -11.68 -0.06 -0.71
CA LYS A 251 -11.68 -0.06 -0.71
C LYS A 251 -12.99 -0.68 -1.21
N ILE A 252 -13.31 -0.43 -2.48
CA ILE A 252 -14.49 -1.02 -3.13
C ILE A 252 -14.02 -2.29 -3.85
N PRO A 253 -14.62 -3.45 -3.60
CA PRO A 253 -14.21 -4.68 -4.32
C PRO A 253 -14.51 -4.59 -5.80
N PRO A 254 -13.84 -5.40 -6.62
CA PRO A 254 -14.21 -5.48 -8.05
C PRO A 254 -15.68 -5.84 -8.23
N VAL A 255 -16.28 -5.35 -9.32
CA VAL A 255 -17.69 -5.56 -9.61
C VAL A 255 -17.86 -6.28 -10.94
N LEU A 256 -18.91 -7.11 -11.02
CA LEU A 256 -19.17 -7.91 -12.20
C LEU A 256 -19.59 -7.06 -13.39
N ASP A 257 -18.94 -7.30 -14.54
CA ASP A 257 -19.34 -6.71 -15.81
C ASP A 257 -20.07 -7.75 -16.66
N SER A 258 -20.73 -7.29 -17.72
CA SER A 258 -21.57 -8.17 -18.52
C SER A 258 -20.78 -9.23 -19.25
N ASP A 259 -19.49 -9.01 -19.51
CA ASP A 259 -18.70 -10.03 -20.16
C ASP A 259 -18.31 -11.15 -19.22
N GLY A 260 -18.76 -11.10 -17.97
CA GLY A 260 -18.52 -12.17 -17.02
C GLY A 260 -17.28 -12.00 -16.19
N VAL A 261 -16.62 -10.86 -16.28
CA VAL A 261 -15.36 -10.60 -15.60
C VAL A 261 -15.61 -9.52 -14.56
N HIS A 262 -15.00 -9.68 -13.39
CA HIS A 262 -15.06 -8.61 -12.38
C HIS A 262 -13.93 -7.61 -12.62
N LYS A 263 -14.25 -6.33 -12.47
CA LYS A 263 -13.33 -5.25 -12.82
C LYS A 263 -13.37 -4.17 -11.77
N THR A 264 -12.34 -3.32 -11.79
CA THR A 264 -12.34 -2.11 -10.99
C THR A 264 -13.33 -1.11 -11.55
N TYR A 265 -14.32 -0.72 -10.75
CA TYR A 265 -15.14 0.45 -11.06
C TYR A 265 -14.90 1.45 -9.96
N ASP A 266 -14.42 2.64 -10.35
CA ASP A 266 -13.97 3.64 -9.39
C ASP A 266 -15.15 4.28 -8.66
N ILE A 267 -16.25 4.47 -9.39
CA ILE A 267 -17.52 5.04 -8.93
C ILE A 267 -17.40 6.53 -8.61
N LYS A 268 -16.49 6.90 -7.70
CA LYS A 268 -16.29 8.30 -7.33
C LYS A 268 -15.08 8.87 -8.07
N PHE A 269 -15.30 9.98 -8.78
CA PHE A 269 -14.29 10.69 -9.55
C PHE A 269 -14.20 12.12 -9.08
N ILE A 270 -13.02 12.70 -9.25
CA ILE A 270 -12.78 14.13 -9.05
C ILE A 270 -12.60 14.75 -10.42
N ASP A 271 -13.36 15.82 -10.67
CA ASP A 271 -13.61 16.34 -12.01
C ASP A 271 -13.30 17.83 -11.99
N LEU A 272 -12.24 18.24 -12.67
CA LEU A 272 -11.87 19.66 -12.72
C LEU A 272 -12.28 20.33 -14.04
N ARG A 273 -13.14 19.70 -14.83
CA ARG A 273 -13.40 20.23 -16.17
C ARG A 273 -14.11 21.59 -16.14
N LYS A 274 -14.89 21.88 -15.10
CA LYS A 274 -15.55 23.18 -15.02
C LYS A 274 -14.58 24.29 -14.65
N LEU A 275 -13.36 23.95 -14.24
CA LEU A 275 -12.33 24.91 -13.87
C LEU A 275 -11.27 25.06 -14.97
N GLY A 276 -11.59 24.65 -16.20
CA GLY A 276 -10.68 24.80 -17.31
C GLY A 276 -9.60 23.74 -17.41
N ALA A 277 -9.59 22.78 -16.48
CA ALA A 277 -8.63 21.69 -16.52
C ALA A 277 -9.36 20.46 -17.04
N PRO A 278 -9.10 20.03 -18.29
CA PRO A 278 -9.98 19.07 -18.97
C PRO A 278 -9.73 17.62 -18.57
N TRP A 279 -9.74 17.37 -17.27
CA TRP A 279 -9.45 16.03 -16.76
C TRP A 279 -10.38 15.71 -15.61
N ALA A 280 -10.78 14.43 -15.53
CA ALA A 280 -11.41 13.86 -14.35
C ALA A 280 -10.81 12.48 -14.11
N TRP A 281 -10.70 12.08 -12.84
CA TRP A 281 -9.92 10.90 -12.51
C TRP A 281 -10.49 10.25 -11.25
N PRO A 282 -10.16 8.98 -11.00
CA PRO A 282 -10.70 8.31 -9.81
C PRO A 282 -10.21 8.96 -8.53
N GLU A 283 -11.10 9.06 -7.54
CA GLU A 283 -10.66 9.55 -6.24
C GLU A 283 -9.55 8.68 -5.66
N THR A 284 -9.51 7.38 -6.05
CA THR A 284 -8.41 6.54 -5.56
C THR A 284 -7.05 6.94 -6.11
N GLN A 285 -6.99 7.75 -7.18
CA GLN A 285 -5.73 8.28 -7.69
C GLN A 285 -5.49 9.70 -7.17
N ASP A 286 -6.04 10.01 -6.00
CA ASP A 286 -5.97 11.34 -5.43
C ASP A 286 -5.54 11.19 -3.97
N HIS A 287 -4.61 12.03 -3.51
CA HIS A 287 -4.22 11.97 -2.11
C HIS A 287 -5.41 12.29 -1.20
N ALA A 288 -6.36 13.09 -1.69
CA ALA A 288 -7.64 13.35 -1.01
C ALA A 288 -7.41 13.79 0.43
N LYS A 289 -6.52 14.77 0.61
CA LYS A 289 -6.24 15.37 1.90
C LYS A 289 -6.91 16.73 2.06
N TRP A 290 -8.00 16.94 1.35
CA TRP A 290 -8.80 18.15 1.47
C TRP A 290 -10.24 17.74 1.73
N GLY A 291 -11.00 18.68 2.27
CA GLY A 291 -12.41 18.46 2.48
C GLY A 291 -13.09 19.79 2.65
N ILE A 292 -14.40 19.80 2.43
CA ILE A 292 -15.19 21.01 2.66
C ILE A 292 -16.35 20.66 3.55
N THR A 293 -16.95 21.70 4.13
CA THR A 293 -18.14 21.53 4.95
C THR A 293 -19.39 21.68 4.09
N THR A 294 -20.54 21.30 4.66
CA THR A 294 -21.79 21.46 3.91
C THR A 294 -22.31 22.89 3.96
N THR A 295 -21.96 23.63 5.00
CA THR A 295 -22.33 25.04 5.13
C THR A 295 -21.12 25.84 5.58
N ASP A 296 -21.26 27.17 5.51
CA ASP A 296 -20.29 28.13 6.03
C ASP A 296 -18.97 28.16 5.28
N ASN A 297 -18.88 27.47 4.13
CA ASN A 297 -17.83 27.71 3.14
C ASN A 297 -16.43 27.36 3.65
N TRP A 298 -16.33 26.37 4.54
CA TRP A 298 -15.02 25.96 5.05
C TRP A 298 -14.30 25.08 4.03
N VAL A 299 -13.03 25.41 3.79
CA VAL A 299 -12.13 24.60 2.98
C VAL A 299 -11.01 24.12 3.89
N CYS A 300 -10.74 22.82 3.88
CA CYS A 300 -9.69 22.22 4.70
C CYS A 300 -8.68 21.57 3.79
N VAL A 301 -7.39 21.88 4.02
CA VAL A 301 -6.28 21.31 3.26
C VAL A 301 -5.25 20.87 4.29
N GLY A 302 -4.83 19.61 4.24
CA GLY A 302 -4.01 19.13 5.32
C GLY A 302 -3.21 17.87 5.08
N ASP A 303 -2.89 17.19 6.19
CA ASP A 303 -2.02 16.02 6.20
C ASP A 303 -2.78 14.71 6.18
N ILE A 304 -4.08 14.74 6.48
CA ILE A 304 -4.85 13.54 6.81
C ILE A 304 -5.85 13.30 5.68
N ASN A 305 -5.86 12.08 5.14
CA ASN A 305 -6.79 11.76 4.05
C ASN A 305 -8.12 11.28 4.62
N ARG A 306 -8.95 10.74 3.74
CA ARG A 306 -10.34 10.42 4.05
C ARG A 306 -10.55 8.97 4.47
N MET A 307 -9.50 8.16 4.54
CA MET A 307 -9.69 6.74 4.82
C MET A 307 -10.08 6.54 6.28
N VAL A 308 -11.03 5.63 6.50
CA VAL A 308 -11.42 5.28 7.86
C VAL A 308 -10.21 4.72 8.60
N THR A 309 -9.48 3.81 7.97
CA THR A 309 -8.28 3.23 8.56
C THR A 309 -7.18 4.27 8.60
N GLN A 310 -6.63 4.50 9.79
CA GLN A 310 -5.57 5.49 9.96
C GLN A 310 -4.52 4.95 10.93
N GLU A 311 -3.28 5.40 10.75
CA GLU A 311 -2.26 5.09 11.74
C GLU A 311 -2.43 6.00 12.94
N LYS A 312 -1.89 5.56 14.08
CA LYS A 312 -1.91 6.36 15.31
C LYS A 312 -0.66 7.25 15.32
N ARG A 313 -0.76 8.34 14.58
CA ARG A 313 0.34 9.28 14.37
C ARG A 313 -0.24 10.69 14.28
N GLY A 314 0.62 11.69 14.50
CA GLY A 314 0.16 13.06 14.48
C GLY A 314 -0.08 13.61 13.08
N GLY A 315 -0.78 14.73 13.02
CA GLY A 315 -1.10 15.38 11.77
C GLY A 315 -2.23 16.36 11.96
N GLY A 316 -2.47 17.16 10.93
CA GLY A 316 -3.54 18.13 11.07
C GLY A 316 -4.02 18.66 9.74
N THR A 317 -4.88 19.67 9.80
CA THR A 317 -5.40 20.28 8.59
C THR A 317 -5.54 21.78 8.82
N ILE A 318 -5.42 22.54 7.74
CA ILE A 318 -5.66 23.98 7.75
C ILE A 318 -7.09 24.22 7.30
N ALA A 319 -7.84 25.01 8.06
CA ALA A 319 -9.23 25.31 7.71
C ALA A 319 -9.41 26.82 7.55
N PHE A 320 -10.09 27.23 6.49
CA PHE A 320 -10.39 28.64 6.32
C PHE A 320 -11.66 28.76 5.49
N GLN A 321 -12.27 29.94 5.55
CA GLN A 321 -13.53 30.18 4.85
C GLN A 321 -13.27 30.90 3.53
N ASP A 322 -13.87 30.37 2.44
CA ASP A 322 -13.68 30.97 1.12
C ASP A 322 -14.80 30.51 0.21
N PRO A 323 -15.86 31.30 0.06
CA PRO A 323 -17.01 30.83 -0.72
C PRO A 323 -16.65 30.45 -2.16
N LYS A 324 -15.71 31.18 -2.76
CA LYS A 324 -15.34 30.93 -4.15
C LYS A 324 -14.64 29.58 -4.31
N LEU A 325 -13.60 29.35 -3.51
CA LEU A 325 -12.90 28.07 -3.57
C LEU A 325 -13.81 26.93 -3.11
N TRP A 326 -14.64 27.19 -2.11
CA TRP A 326 -15.58 26.17 -1.62
C TRP A 326 -16.48 25.67 -2.73
N LYS A 327 -17.09 26.59 -3.49
CA LYS A 327 -18.02 26.18 -4.53
C LYS A 327 -17.30 25.42 -5.64
N ALA A 328 -16.11 25.88 -6.02
CA ALA A 328 -15.33 25.18 -7.04
C ALA A 328 -15.04 23.74 -6.62
N LEU A 329 -14.60 23.55 -5.37
CA LEU A 329 -14.31 22.21 -4.89
C LEU A 329 -15.57 21.36 -4.78
N CYS A 330 -16.66 21.95 -4.30
CA CYS A 330 -17.92 21.22 -4.18
C CYS A 330 -18.34 20.63 -5.52
N GLU A 331 -18.18 21.38 -6.60
CA GLU A 331 -18.68 20.96 -7.89
C GLU A 331 -17.72 20.04 -8.64
N THR A 332 -16.64 19.57 -7.99
CA THR A 332 -15.76 18.60 -8.64
C THR A 332 -16.26 17.16 -8.51
N ASP A 333 -17.35 16.91 -7.76
CA ASP A 333 -17.89 15.55 -7.67
C ASP A 333 -18.30 15.03 -9.04
N LEU A 334 -17.97 13.75 -9.29
CA LEU A 334 -18.48 13.06 -10.48
C LEU A 334 -18.72 11.61 -10.10
N ILE A 335 -19.95 11.14 -10.26
CA ILE A 335 -20.35 9.78 -9.89
C ILE A 335 -20.68 8.99 -11.17
N ILE A 336 -20.03 7.85 -11.35
CA ILE A 336 -20.30 6.99 -12.50
C ILE A 336 -20.60 5.59 -11.98
N PRO A 337 -21.79 5.06 -12.15
CA PRO A 337 -22.11 3.75 -11.58
C PRO A 337 -21.42 2.64 -12.35
N PRO A 338 -21.19 1.50 -11.70
CA PRO A 338 -20.74 0.30 -12.43
C PRO A 338 -21.81 -0.14 -13.41
N PRO A 339 -21.50 -1.04 -14.33
CA PRO A 339 -22.46 -1.43 -15.36
C PRO A 339 -23.75 -2.00 -14.80
N GLY A 340 -24.87 -1.49 -15.30
CA GLY A 340 -26.18 -1.95 -14.86
C GLY A 340 -26.67 -1.37 -13.57
N LYS A 341 -25.90 -0.50 -12.92
CA LYS A 341 -26.26 0.06 -11.63
C LYS A 341 -26.75 1.50 -11.79
N THR A 342 -27.63 1.92 -10.89
CA THR A 342 -28.16 3.27 -10.92
C THR A 342 -27.25 4.22 -10.15
N ASP A 343 -27.51 5.53 -10.32
CA ASP A 343 -26.85 6.52 -9.49
C ASP A 343 -27.07 6.23 -8.00
N ALA A 344 -28.30 5.85 -7.64
CA ALA A 344 -28.57 5.55 -6.22
C ALA A 344 -27.74 4.36 -5.75
N GLN A 345 -27.63 3.31 -6.57
CA GLN A 345 -26.83 2.16 -6.16
C GLN A 345 -25.35 2.51 -6.09
N ALA A 346 -24.88 3.35 -7.01
CA ALA A 346 -23.51 3.82 -6.97
C ALA A 346 -23.22 4.56 -5.66
N ARG A 347 -24.12 5.46 -5.27
CA ARG A 347 -23.90 6.23 -4.06
C ARG A 347 -23.92 5.32 -2.83
N ALA A 348 -24.74 4.27 -2.84
CA ALA A 348 -24.73 3.34 -1.71
C ALA A 348 -23.42 2.56 -1.65
N MET A 349 -22.84 2.21 -2.80
CA MET A 349 -21.54 1.54 -2.78
C MET A 349 -20.46 2.45 -2.20
N ILE A 350 -20.50 3.75 -2.52
CA ILE A 350 -19.56 4.70 -1.94
C ILE A 350 -19.75 4.78 -0.42
N ARG A 351 -21.00 4.93 0.04
CA ARG A 351 -21.24 5.01 1.47
CA ARG A 351 -21.26 5.00 1.47
C ARG A 351 -20.80 3.74 2.18
N LYS A 352 -20.82 2.60 1.50
CA LYS A 352 -20.37 1.36 2.11
C LYS A 352 -18.90 1.45 2.52
N THR A 353 -18.09 2.24 1.80
CA THR A 353 -16.70 2.37 2.20
C THR A 353 -16.52 3.12 3.51
N HIS A 354 -17.59 3.72 4.05
CA HIS A 354 -17.51 4.44 5.32
C HIS A 354 -17.62 3.53 6.53
N GLU A 355 -17.95 2.25 6.32
CA GLU A 355 -18.19 1.35 7.43
C GLU A 355 -16.93 1.16 8.27
N PRO A 356 -17.08 0.94 9.59
CA PRO A 356 -15.93 0.69 10.49
C PRO A 356 -15.03 -0.42 9.99
N MET B 9 -1.21 -41.05 11.29
CA MET B 9 -0.79 -40.38 12.51
C MET B 9 0.58 -39.71 12.33
N ALA B 10 1.34 -40.16 11.34
CA ALA B 10 2.50 -39.39 10.92
C ALA B 10 2.03 -38.06 10.35
N ILE B 11 2.86 -37.02 10.53
CA ILE B 11 2.51 -35.69 10.03
C ILE B 11 2.46 -35.74 8.51
N SER B 12 1.38 -35.21 7.93
CA SER B 12 1.22 -35.23 6.49
C SER B 12 0.22 -34.17 6.06
N PRO B 13 0.42 -33.52 4.91
CA PRO B 13 -0.67 -32.80 4.27
C PRO B 13 -1.90 -33.69 4.19
N ARG B 14 -3.07 -33.08 4.33
CA ARG B 14 -4.34 -33.79 4.16
C ARG B 14 -5.08 -33.19 2.98
N ASP B 15 -5.75 -34.04 2.21
CA ASP B 15 -6.41 -33.57 1.01
C ASP B 15 -7.84 -33.13 1.34
N GLU B 16 -8.67 -32.97 0.30
CA GLU B 16 -10.01 -32.44 0.48
C GLU B 16 -10.90 -33.38 1.29
N GLN B 17 -10.54 -34.66 1.39
CA GLN B 17 -11.34 -35.62 2.15
C GLN B 17 -10.58 -36.15 3.35
N ASN B 18 -9.60 -35.37 3.86
CA ASN B 18 -8.84 -35.68 5.06
C ASN B 18 -7.97 -36.93 4.88
N ARG B 19 -7.59 -37.23 3.65
CA ARG B 19 -6.67 -38.33 3.39
C ARG B 19 -5.26 -37.77 3.29
N SER B 20 -4.27 -38.50 3.83
CA SER B 20 -2.89 -38.04 3.71
CA SER B 20 -2.90 -38.02 3.70
C SER B 20 -2.51 -37.97 2.24
N VAL B 21 -1.82 -36.89 1.86
CA VAL B 21 -1.38 -36.68 0.49
C VAL B 21 0.01 -36.05 0.51
N ASP B 22 0.75 -36.27 -0.57
CA ASP B 22 2.16 -35.87 -0.59
C ASP B 22 2.35 -34.38 -0.85
N LEU B 23 1.44 -33.76 -1.59
CA LEU B 23 1.56 -32.37 -2.01
C LEU B 23 0.16 -31.89 -2.37
N TRP B 24 -0.17 -30.65 -2.01
CA TRP B 24 -1.38 -30.05 -2.57
C TRP B 24 -1.18 -28.54 -2.76
N PHE B 25 -2.00 -28.00 -3.66
CA PHE B 25 -1.98 -26.61 -4.06
C PHE B 25 -3.41 -26.09 -4.06
N ALA B 26 -3.57 -24.83 -3.69
CA ALA B 26 -4.89 -24.20 -3.82
C ALA B 26 -4.72 -22.78 -4.33
N TYR B 27 -5.73 -22.31 -5.07
CA TYR B 27 -5.79 -20.93 -5.51
C TYR B 27 -7.12 -20.39 -5.00
N LYS B 28 -7.06 -19.52 -4.00
CA LYS B 28 -8.24 -18.89 -3.41
C LYS B 28 -8.60 -17.64 -4.19
N VAL B 29 -9.90 -17.44 -4.42
CA VAL B 29 -10.36 -16.28 -5.17
C VAL B 29 -10.54 -15.07 -4.23
N PRO B 30 -10.51 -13.84 -4.75
CA PRO B 30 -10.84 -12.66 -3.94
C PRO B 30 -12.34 -12.50 -3.77
N LYS B 31 -12.71 -11.69 -2.78
CA LYS B 31 -14.09 -11.26 -2.64
CA LYS B 31 -14.09 -11.26 -2.64
C LYS B 31 -14.49 -10.42 -3.85
N LEU B 32 -15.60 -10.77 -4.49
CA LEU B 32 -16.05 -10.15 -5.72
C LEU B 32 -17.53 -9.81 -5.64
N THR B 33 -17.88 -8.60 -6.03
CA THR B 33 -19.24 -8.10 -5.84
C THR B 33 -20.11 -8.42 -7.04
N LYS B 34 -21.30 -8.98 -6.77
CA LYS B 34 -22.35 -9.06 -7.78
C LYS B 34 -23.22 -7.82 -7.73
N ASP B 35 -23.83 -7.54 -6.59
CA ASP B 35 -24.70 -6.35 -6.43
C ASP B 35 -24.77 -6.00 -4.95
N ALA B 36 -25.74 -5.13 -4.60
CA ALA B 36 -25.78 -4.61 -3.24
C ALA B 36 -26.09 -5.70 -2.22
N ASP B 37 -26.81 -6.74 -2.64
CA ASP B 37 -27.23 -7.76 -1.70
C ASP B 37 -26.35 -8.99 -1.73
N SER B 38 -25.54 -9.20 -2.77
CA SER B 38 -24.82 -10.46 -2.82
C SER B 38 -23.44 -10.30 -3.45
N ASP B 39 -22.54 -11.18 -3.04
CA ASP B 39 -21.23 -11.31 -3.66
C ASP B 39 -21.26 -12.43 -4.69
N SER B 40 -20.56 -12.24 -5.80
CA SER B 40 -20.28 -13.36 -6.70
C SER B 40 -19.37 -14.37 -6.02
N ALA B 41 -18.41 -13.89 -5.24
CA ALA B 41 -17.51 -14.75 -4.48
C ALA B 41 -17.30 -14.10 -3.13
N SER B 42 -17.36 -14.89 -2.06
CA SER B 42 -17.09 -14.38 -0.72
C SER B 42 -15.60 -14.11 -0.49
N GLY B 43 -14.72 -14.70 -1.30
CA GLY B 43 -13.30 -14.64 -1.04
C GLY B 43 -12.76 -15.81 -0.25
N TYR B 44 -13.55 -16.86 -0.04
CA TYR B 44 -13.04 -18.10 0.53
C TYR B 44 -13.21 -19.30 -0.39
N GLU B 45 -13.75 -19.10 -1.60
CA GLU B 45 -13.81 -20.15 -2.61
C GLU B 45 -12.42 -20.40 -3.19
N TYR B 46 -12.21 -21.62 -3.70
CA TYR B 46 -10.89 -21.93 -4.24
C TYR B 46 -10.95 -23.06 -5.24
N VAL B 47 -9.89 -23.14 -6.07
CA VAL B 47 -9.59 -24.34 -6.83
C VAL B 47 -8.51 -25.10 -6.09
N TYR B 48 -8.53 -26.42 -6.25
CA TYR B 48 -7.67 -27.33 -5.54
C TYR B 48 -6.96 -28.23 -6.52
N TYR B 49 -5.71 -28.57 -6.23
CA TYR B 49 -4.97 -29.52 -7.06
C TYR B 49 -4.09 -30.41 -6.20
N ASP B 50 -4.08 -31.71 -6.52
CA ASP B 50 -2.99 -32.58 -6.09
C ASP B 50 -2.80 -33.61 -7.20
N ARG B 51 -1.76 -34.42 -7.08
CA ARG B 51 -1.45 -35.35 -8.16
C ARG B 51 -2.30 -36.61 -8.12
N GLN B 52 -3.16 -36.77 -7.12
CA GLN B 52 -4.10 -37.89 -7.09
CA GLN B 52 -4.09 -37.89 -7.11
C GLN B 52 -5.38 -37.55 -7.85
N VAL B 53 -5.94 -36.38 -7.58
CA VAL B 53 -7.10 -35.93 -8.36
C VAL B 53 -6.68 -35.64 -9.80
N GLY B 54 -5.42 -35.25 -10.01
CA GLY B 54 -4.86 -35.10 -11.33
C GLY B 54 -5.41 -33.95 -12.16
N ALA B 55 -6.22 -33.08 -11.58
CA ALA B 55 -6.75 -31.94 -12.31
C ALA B 55 -6.97 -30.81 -11.33
N VAL B 56 -6.91 -29.58 -11.82
CA VAL B 56 -7.18 -28.40 -11.02
C VAL B 56 -8.68 -28.15 -11.14
N GLN B 57 -9.40 -28.20 -10.01
CA GLN B 57 -10.86 -28.18 -10.03
CA GLN B 57 -10.84 -28.05 -10.11
C GLN B 57 -11.38 -27.30 -8.90
N LYS B 58 -12.56 -26.73 -9.10
CA LYS B 58 -13.21 -25.96 -8.05
CA LYS B 58 -13.20 -25.96 -8.04
C LYS B 58 -13.57 -26.84 -6.86
N SER B 59 -13.21 -26.39 -5.66
CA SER B 59 -13.56 -27.09 -4.45
C SER B 59 -15.01 -26.81 -4.05
N PRO B 60 -15.70 -27.81 -3.49
CA PRO B 60 -17.02 -27.56 -2.90
C PRO B 60 -16.96 -26.87 -1.55
N ASN B 61 -15.77 -26.65 -1.00
CA ASN B 61 -15.60 -26.09 0.34
C ASN B 61 -15.25 -24.61 0.27
N LEU B 62 -15.47 -23.93 1.40
CA LEU B 62 -14.86 -22.63 1.66
C LEU B 62 -13.64 -22.84 2.56
N MET B 63 -12.59 -22.05 2.33
CA MET B 63 -11.32 -22.32 3.01
C MET B 63 -11.42 -22.13 4.51
N ASN B 64 -12.33 -21.28 4.96
CA ASN B 64 -12.49 -21.10 6.40
C ASN B 64 -13.53 -22.04 7.02
N ASP B 65 -14.13 -22.93 6.23
CA ASP B 65 -14.95 -23.99 6.81
C ASP B 65 -14.04 -24.98 7.54
N PRO B 66 -14.55 -25.67 8.52
CA PRO B 66 -13.84 -26.81 9.11
C PRO B 66 -13.92 -28.06 8.22
N LYS B 67 -13.55 -27.88 6.94
CA LYS B 67 -13.51 -28.95 5.96
C LYS B 67 -12.64 -28.47 4.80
N GLY B 68 -12.06 -29.43 4.08
CA GLY B 68 -11.18 -29.09 2.99
C GLY B 68 -9.72 -29.18 3.41
N ALA B 69 -8.84 -29.12 2.40
CA ALA B 69 -7.45 -29.50 2.62
C ALA B 69 -6.77 -28.59 3.65
N LEU B 70 -7.09 -27.30 3.65
CA LEU B 70 -6.43 -26.39 4.58
C LEU B 70 -6.81 -26.72 6.03
N PHE B 71 -8.10 -26.76 6.33
CA PHE B 71 -8.52 -27.14 7.68
C PHE B 71 -8.01 -28.51 8.06
N TYR B 72 -8.22 -29.52 7.20
CA TYR B 72 -7.82 -30.87 7.60
C TYR B 72 -6.32 -30.94 7.84
N THR B 73 -5.54 -30.21 7.06
CA THR B 73 -4.09 -30.22 7.25
C THR B 73 -3.72 -29.59 8.59
N LEU B 74 -4.21 -28.38 8.85
CA LEU B 74 -3.81 -27.73 10.09
C LEU B 74 -4.45 -28.38 11.31
N ASP B 75 -5.68 -28.90 11.18
CA ASP B 75 -6.30 -29.56 12.32
C ASP B 75 -5.56 -30.84 12.68
N SER B 76 -4.99 -31.54 11.69
CA SER B 76 -4.24 -32.74 11.98
C SER B 76 -2.95 -32.45 12.76
N VAL B 77 -2.48 -31.20 12.73
CA VAL B 77 -1.28 -30.78 13.46
C VAL B 77 -1.68 -30.24 14.84
N PHE B 78 -2.51 -29.20 14.85
CA PHE B 78 -2.83 -28.52 16.10
C PHE B 78 -3.85 -29.26 16.95
N GLY B 79 -4.64 -30.14 16.35
CA GLY B 79 -5.85 -30.62 17.01
C GLY B 79 -5.57 -31.45 18.24
N ASP B 80 -4.66 -32.41 18.14
CA ASP B 80 -4.33 -33.31 19.24
C ASP B 80 -2.88 -33.75 19.10
N PRO B 81 -1.94 -32.85 19.39
CA PRO B 81 -0.53 -33.15 19.12
C PRO B 81 0.02 -34.20 20.07
N GLY B 82 0.93 -35.03 19.55
CA GLY B 82 1.63 -35.98 20.38
C GLY B 82 2.74 -35.33 21.19
N ASP B 83 3.34 -36.12 22.07
CA ASP B 83 4.38 -35.61 22.95
C ASP B 83 5.59 -35.11 22.18
N THR B 84 5.83 -35.63 20.98
CA THR B 84 6.96 -35.20 20.17
C THR B 84 6.52 -34.47 18.90
N THR B 85 5.25 -34.06 18.82
CA THR B 85 4.77 -33.18 17.77
C THR B 85 5.12 -31.73 18.11
N GLY B 86 5.55 -30.97 17.11
CA GLY B 86 5.88 -29.58 17.28
C GLY B 86 5.60 -28.81 16.01
N TRP B 87 5.81 -27.49 16.07
CA TRP B 87 5.54 -26.64 14.93
C TRP B 87 6.25 -25.30 15.07
N ILE B 88 6.54 -24.71 13.92
CA ILE B 88 7.12 -23.39 13.79
CA ILE B 88 7.09 -23.38 13.81
C ILE B 88 6.14 -22.58 12.94
N LEU B 89 5.58 -21.51 13.50
CA LEU B 89 4.69 -20.62 12.77
C LEU B 89 5.44 -19.32 12.49
N TYR B 90 5.24 -18.72 11.33
CA TYR B 90 5.89 -17.45 11.07
C TYR B 90 5.06 -16.58 10.13
N ASN B 91 5.22 -15.27 10.28
CA ASN B 91 4.45 -14.29 9.55
C ASN B 91 5.02 -12.92 9.84
N ASP B 92 5.24 -12.08 8.82
CA ASP B 92 5.63 -10.71 9.08
C ASP B 92 4.50 -9.89 9.68
N GLU B 93 3.26 -10.36 9.55
CA GLU B 93 2.09 -9.76 10.18
C GLU B 93 1.49 -10.81 11.10
N MET B 94 1.88 -10.80 12.39
CA MET B 94 1.48 -11.89 13.26
C MET B 94 0.02 -11.78 13.67
N PRO B 95 -0.61 -12.91 14.00
CA PRO B 95 -1.98 -12.87 14.52
C PRO B 95 -1.99 -12.27 15.91
N ALA B 96 -3.20 -11.87 16.32
CA ALA B 96 -3.34 -11.11 17.55
C ALA B 96 -2.86 -11.87 18.78
N ASP B 97 -2.84 -13.20 18.73
CA ASP B 97 -2.50 -13.98 19.92
C ASP B 97 -1.02 -14.31 20.00
N ALA B 98 -0.18 -13.69 19.17
CA ALA B 98 1.24 -14.00 19.16
C ALA B 98 1.91 -13.59 20.48
N ASN B 99 3.04 -14.25 20.77
CA ASN B 99 3.77 -14.11 22.01
C ASN B 99 5.02 -13.23 21.86
N ARG B 100 4.97 -12.23 20.99
CA ARG B 100 6.08 -11.32 20.78
C ARG B 100 5.58 -10.09 20.03
N SER B 101 6.36 -9.02 20.08
CA SER B 101 6.03 -7.82 19.31
CA SER B 101 6.09 -7.79 19.33
C SER B 101 6.63 -7.90 17.91
N ASN B 102 6.10 -7.07 17.02
CA ASN B 102 6.53 -7.07 15.63
C ASN B 102 7.96 -6.58 15.47
N ASN B 103 8.70 -7.25 14.58
CA ASN B 103 10.05 -6.84 14.19
C ASN B 103 9.99 -6.56 12.69
N ALA B 104 10.03 -5.26 12.34
CA ALA B 104 9.83 -4.88 10.95
C ALA B 104 11.02 -5.19 10.05
N THR B 105 12.14 -5.67 10.58
CA THR B 105 13.27 -6.00 9.71
C THR B 105 13.23 -7.43 9.18
N LEU B 106 12.32 -8.27 9.68
CA LEU B 106 12.39 -9.67 9.33
C LEU B 106 11.73 -9.92 7.97
N GLY B 107 11.84 -11.15 7.48
CA GLY B 107 11.42 -11.42 6.11
C GLY B 107 9.90 -11.35 5.94
N HIS B 108 9.48 -11.05 4.73
N HIS B 108 9.41 -11.16 4.71
CA HIS B 108 8.06 -11.18 4.42
CA HIS B 108 7.96 -11.11 4.52
C HIS B 108 7.84 -12.58 3.89
C HIS B 108 7.34 -12.50 4.33
N THR B 109 7.99 -13.53 4.83
CA THR B 109 7.68 -14.94 4.62
CA THR B 109 7.63 -14.91 4.60
C THR B 109 6.61 -15.36 5.62
N LYS B 110 5.66 -16.20 5.18
CA LYS B 110 4.58 -16.67 6.03
C LYS B 110 4.40 -18.17 5.83
N GLY B 111 4.13 -18.90 6.91
CA GLY B 111 3.93 -20.32 6.74
C GLY B 111 3.93 -21.07 8.06
N VAL B 112 3.87 -22.39 7.91
CA VAL B 112 3.84 -23.33 9.03
C VAL B 112 4.74 -24.49 8.69
N ILE B 113 5.67 -24.82 9.59
CA ILE B 113 6.44 -26.06 9.51
C ILE B 113 6.03 -26.91 10.71
N ALA B 114 5.48 -28.09 10.46
CA ALA B 114 5.07 -28.96 11.55
C ALA B 114 5.84 -30.26 11.47
N PHE B 115 6.01 -30.91 12.61
CA PHE B 115 6.84 -32.11 12.65
C PHE B 115 6.46 -32.99 13.82
N ASP B 116 6.85 -34.26 13.72
CA ASP B 116 6.71 -35.20 14.82
C ASP B 116 8.00 -36.02 14.87
N ILE B 117 8.74 -35.90 15.98
CA ILE B 117 10.05 -36.53 16.05
CA ILE B 117 10.05 -36.53 16.05
C ILE B 117 9.93 -38.05 16.06
N ALA B 118 8.98 -38.58 16.84
CA ALA B 118 8.90 -40.03 17.01
C ALA B 118 8.64 -40.74 15.68
N SER B 119 7.82 -40.13 14.82
CA SER B 119 7.51 -40.71 13.52
C SER B 119 8.40 -40.17 12.41
N SER B 120 9.36 -39.30 12.74
CA SER B 120 10.28 -38.72 11.76
C SER B 120 9.55 -38.05 10.59
N SER B 121 8.40 -37.43 10.87
CA SER B 121 7.54 -36.87 9.82
C SER B 121 7.38 -35.36 9.99
N ALA B 122 7.04 -34.70 8.89
CA ALA B 122 6.90 -33.25 8.88
C ALA B 122 6.03 -32.83 7.70
N LEU B 123 5.60 -31.57 7.73
CA LEU B 123 4.94 -30.94 6.60
C LEU B 123 5.29 -29.46 6.59
N TRP B 124 5.08 -28.84 5.45
CA TRP B 124 5.31 -27.41 5.28
C TRP B 124 4.10 -26.84 4.54
N LEU B 125 3.44 -25.85 5.15
CA LEU B 125 2.39 -25.08 4.51
C LEU B 125 2.91 -23.68 4.20
N LEU B 126 2.90 -23.31 2.94
CA LEU B 126 3.19 -21.94 2.52
C LEU B 126 1.88 -21.25 2.18
N HIS B 127 1.70 -20.04 2.69
CA HIS B 127 0.52 -19.23 2.40
C HIS B 127 0.94 -17.78 2.41
N SER B 128 0.02 -16.88 2.04
CA SER B 128 0.31 -15.44 2.01
C SER B 128 -0.69 -14.63 2.83
N TRP B 129 -1.40 -15.27 3.75
CA TRP B 129 -2.39 -14.57 4.59
C TRP B 129 -1.70 -13.83 5.72
N PRO B 130 -1.86 -12.52 5.85
CA PRO B 130 -1.50 -11.86 7.11
C PRO B 130 -2.27 -12.43 8.28
N LYS B 131 -1.66 -12.38 9.46
CA LYS B 131 -2.33 -12.70 10.73
C LYS B 131 -2.85 -14.14 10.76
N TYR B 132 -2.02 -15.06 10.28
CA TYR B 132 -2.39 -16.46 10.10
C TYR B 132 -1.10 -17.28 10.10
N ALA B 133 -1.07 -18.48 10.69
CA ALA B 133 -2.16 -19.12 11.39
C ALA B 133 -1.91 -19.09 12.89
N SER B 134 -2.93 -19.45 13.66
CA SER B 134 -2.79 -19.59 15.10
C SER B 134 -3.04 -21.03 15.51
N PRO B 135 -2.30 -21.57 16.49
CA PRO B 135 -2.52 -22.96 16.91
C PRO B 135 -3.75 -23.17 17.76
N SER B 136 -4.40 -22.11 18.22
CA SER B 136 -5.55 -22.27 19.10
C SER B 136 -6.65 -21.24 18.87
N VAL B 137 -6.42 -20.22 18.07
CA VAL B 137 -7.46 -19.25 17.71
C VAL B 137 -7.72 -19.36 16.22
N PRO B 138 -8.83 -19.95 15.80
CA PRO B 138 -9.18 -19.87 14.38
C PRO B 138 -9.43 -18.43 13.99
N GLY B 139 -8.36 -17.72 13.67
CA GLY B 139 -8.50 -16.35 13.18
C GLY B 139 -9.18 -16.33 11.84
N VAL B 140 -9.88 -15.23 11.57
CA VAL B 140 -10.55 -15.04 10.29
C VAL B 140 -9.66 -14.19 9.39
N PRO B 141 -8.88 -14.78 8.50
CA PRO B 141 -8.03 -13.97 7.63
C PRO B 141 -8.83 -13.29 6.53
N THR B 142 -8.22 -12.26 5.95
CA THR B 142 -8.92 -11.38 5.01
C THR B 142 -9.38 -12.14 3.78
N PRO B 143 -10.57 -11.88 3.27
CA PRO B 143 -11.00 -12.53 2.02
C PRO B 143 -10.73 -11.73 0.76
N LEU B 144 -10.01 -10.62 0.83
CA LEU B 144 -10.11 -9.62 -0.23
C LEU B 144 -9.26 -9.92 -1.46
N TYR B 145 -8.32 -10.87 -1.38
CA TYR B 145 -7.34 -11.04 -2.45
C TYR B 145 -7.29 -12.46 -2.98
N GLY B 146 -6.98 -12.61 -4.26
CA GLY B 146 -6.59 -13.92 -4.76
C GLY B 146 -5.26 -14.32 -4.14
N GLN B 147 -5.13 -15.59 -3.79
CA GLN B 147 -3.94 -16.07 -3.09
C GLN B 147 -3.66 -17.50 -3.49
N THR B 148 -2.41 -17.92 -3.30
CA THR B 148 -2.02 -19.31 -3.54
C THR B 148 -1.47 -19.93 -2.26
N PHE B 149 -1.58 -21.25 -2.21
CA PHE B 149 -1.21 -22.08 -1.07
C PHE B 149 -0.46 -23.29 -1.62
N LEU B 150 0.59 -23.72 -0.91
CA LEU B 150 1.25 -24.96 -1.29
C LEU B 150 1.61 -25.71 -0.03
N CYS B 151 1.36 -27.01 -0.01
CA CYS B 151 1.60 -27.82 1.18
C CYS B 151 2.35 -29.09 0.80
N LEU B 152 3.46 -29.36 1.48
CA LEU B 152 4.37 -30.44 1.10
C LEU B 152 4.62 -31.39 2.25
N SER B 153 4.68 -32.70 1.93
CA SER B 153 5.01 -33.75 2.88
C SER B 153 6.52 -33.90 2.96
N LEU B 154 7.09 -33.78 4.16
CA LEU B 154 8.53 -33.75 4.32
C LEU B 154 8.99 -34.77 5.36
N ASP B 155 10.24 -35.18 5.24
CA ASP B 155 10.85 -35.91 6.34
C ASP B 155 11.52 -34.92 7.28
N LEU B 156 11.84 -35.38 8.49
CA LEU B 156 12.36 -34.50 9.51
C LEU B 156 13.67 -33.86 9.08
N ALA B 157 14.52 -34.60 8.36
CA ALA B 157 15.79 -34.06 7.93
C ALA B 157 15.61 -32.94 6.92
N THR B 158 14.60 -33.06 6.05
CA THR B 158 14.34 -32.00 5.09
C THR B 158 13.84 -30.75 5.79
N ALA B 159 12.94 -30.91 6.77
CA ALA B 159 12.46 -29.77 7.53
C ALA B 159 13.59 -29.06 8.26
N GLY B 160 14.53 -29.84 8.81
CA GLY B 160 15.69 -29.24 9.46
C GLY B 160 16.55 -28.44 8.50
N LYS B 161 16.87 -29.03 7.34
CA LYS B 161 17.67 -28.32 6.36
C LYS B 161 16.97 -27.05 5.88
N LEU B 162 15.64 -27.13 5.67
CA LEU B 162 14.89 -25.93 5.33
C LEU B 162 14.99 -24.88 6.44
N ALA B 163 14.88 -25.30 7.70
CA ALA B 163 14.98 -24.33 8.79
C ALA B 163 16.36 -23.69 8.85
N ALA B 164 17.42 -24.44 8.48
CA ALA B 164 18.75 -23.85 8.48
C ALA B 164 18.87 -22.76 7.41
N GLN B 165 18.27 -22.98 6.24
CA GLN B 165 18.26 -21.95 5.21
C GLN B 165 17.51 -20.72 5.68
N MET B 166 16.32 -20.93 6.27
CA MET B 166 15.52 -19.79 6.72
C MET B 166 16.21 -18.98 7.80
N ALA B 167 16.99 -19.64 8.66
CA ALA B 167 17.69 -18.89 9.70
C ALA B 167 18.72 -17.94 9.08
N LEU B 168 19.25 -18.29 7.90
CA LEU B 168 20.28 -17.50 7.24
C LEU B 168 19.74 -16.44 6.29
N HIS B 169 18.66 -16.75 5.56
CA HIS B 169 18.27 -15.92 4.41
C HIS B 169 16.87 -15.34 4.56
N GLN B 170 15.82 -16.14 4.48
CA GLN B 170 14.47 -15.59 4.57
C GLN B 170 14.25 -14.87 5.90
N GLN B 171 14.84 -15.40 6.97
CA GLN B 171 14.75 -14.89 8.34
C GLN B 171 13.31 -14.58 8.73
N PRO B 172 12.47 -15.60 8.82
CA PRO B 172 11.05 -15.39 9.16
C PRO B 172 10.88 -14.92 10.60
N GLN B 173 9.74 -14.27 10.82
CA GLN B 173 9.31 -13.85 12.15
C GLN B 173 8.52 -14.98 12.77
N VAL B 174 9.17 -15.74 13.64
CA VAL B 174 8.62 -16.94 14.25
C VAL B 174 7.82 -16.56 15.49
N TYR B 175 6.65 -17.18 15.66
CA TYR B 175 5.83 -16.97 16.85
C TYR B 175 5.14 -18.27 17.23
N LEU B 176 4.74 -18.34 18.50
CA LEU B 176 4.06 -19.47 19.13
C LEU B 176 4.58 -20.84 18.68
N PRO B 177 5.88 -21.09 18.69
CA PRO B 177 6.36 -22.42 18.29
C PRO B 177 6.09 -23.44 19.38
N ARG B 178 6.16 -24.71 18.98
CA ARG B 178 6.08 -25.83 19.92
C ARG B 178 7.25 -26.72 19.59
N THR B 179 8.12 -26.98 20.55
CA THR B 179 9.36 -27.66 20.22
C THR B 179 9.27 -29.18 20.30
N GLY B 180 8.26 -29.73 20.98
CA GLY B 180 8.11 -31.18 21.02
C GLY B 180 9.31 -31.94 21.55
N GLY B 181 10.17 -31.30 22.32
CA GLY B 181 11.34 -31.96 22.86
C GLY B 181 12.58 -31.93 21.99
N LEU B 182 12.63 -31.05 21.00
CA LEU B 182 13.77 -30.95 20.10
C LEU B 182 15.07 -30.75 20.86
N ASP B 183 16.13 -31.41 20.42
CA ASP B 183 17.46 -31.02 20.86
C ASP B 183 17.72 -29.58 20.45
N HIS B 184 18.30 -28.80 21.37
CA HIS B 184 18.57 -27.40 21.09
C HIS B 184 19.58 -27.23 19.96
N THR B 185 20.30 -28.30 19.61
CA THR B 185 21.20 -28.30 18.47
C THR B 185 20.47 -28.41 17.13
N SER B 186 19.18 -28.79 17.16
CA SER B 186 18.43 -28.96 15.93
C SER B 186 18.28 -27.61 15.23
N PRO B 187 18.43 -27.56 13.89
CA PRO B 187 18.14 -26.31 13.18
C PRO B 187 16.69 -25.89 13.33
N LEU B 188 15.77 -26.83 13.56
CA LEU B 188 14.40 -26.46 13.85
C LEU B 188 14.31 -25.66 15.14
N TYR B 189 15.11 -26.02 16.15
CA TYR B 189 15.09 -25.23 17.38
C TYR B 189 15.74 -23.87 17.15
N ALA B 190 16.86 -23.86 16.41
CA ALA B 190 17.58 -22.60 16.17
C ALA B 190 16.69 -21.58 15.47
N LEU B 191 15.74 -22.04 14.66
CA LEU B 191 14.86 -21.12 13.97
C LEU B 191 13.94 -20.38 14.94
N THR B 192 13.76 -20.87 16.16
CA THR B 192 12.91 -20.22 17.15
C THR B 192 13.68 -19.22 18.01
N GLN B 193 14.98 -19.10 17.82
CA GLN B 193 15.83 -18.24 18.62
C GLN B 193 16.21 -16.99 17.81
N PRO B 194 16.82 -15.99 18.45
CA PRO B 194 17.13 -14.76 17.71
C PRO B 194 18.00 -15.03 16.49
N LEU B 195 17.72 -14.29 15.40
CA LEU B 195 18.42 -14.46 14.13
C LEU B 195 19.44 -13.35 13.91
N ASN B 196 20.48 -13.66 13.12
CA ASN B 196 21.54 -12.72 12.78
C ASN B 196 21.57 -12.54 11.27
N ALA B 197 21.27 -11.33 10.79
CA ALA B 197 21.35 -11.04 9.35
C ALA B 197 22.82 -10.85 9.01
N SER B 198 23.49 -11.96 8.69
CA SER B 198 24.94 -11.99 8.57
C SER B 198 25.47 -12.55 7.25
N ALA B 199 24.68 -13.35 6.53
CA ALA B 199 25.22 -14.09 5.39
C ALA B 199 25.88 -13.14 4.39
N PRO B 200 27.01 -13.53 3.82
CA PRO B 200 27.73 -12.64 2.89
C PRO B 200 27.12 -12.59 1.50
N GLY B 201 26.51 -13.72 1.07
CA GLY B 201 25.81 -13.74 -0.20
C GLY B 201 24.47 -13.07 -0.09
N ASP B 202 23.83 -12.84 -1.22
CA ASP B 202 22.53 -12.18 -1.22
C ASP B 202 21.37 -13.12 -1.54
N SER B 203 21.64 -14.41 -1.74
CA SER B 203 20.61 -15.35 -2.15
C SER B 203 21.13 -16.76 -1.94
N ASP B 204 20.22 -17.73 -2.06
CA ASP B 204 20.55 -19.13 -1.82
C ASP B 204 19.48 -19.99 -2.48
N SER B 205 19.86 -21.18 -2.93
CA SER B 205 18.90 -22.13 -3.47
CA SER B 205 18.90 -22.14 -3.47
CA SER B 205 18.89 -22.14 -3.46
C SER B 205 19.29 -23.54 -3.01
N LEU B 206 18.29 -24.32 -2.64
CA LEU B 206 18.47 -25.70 -2.18
C LEU B 206 17.49 -26.61 -2.90
N ASP B 207 17.94 -27.84 -3.20
CA ASP B 207 17.10 -28.91 -3.73
C ASP B 207 16.58 -29.80 -2.61
N PHE B 208 15.31 -30.18 -2.69
CA PHE B 208 14.71 -31.13 -1.77
C PHE B 208 13.81 -32.09 -2.53
N LYS B 209 13.28 -33.08 -1.81
CA LYS B 209 12.19 -33.90 -2.32
C LYS B 209 11.13 -34.04 -1.25
N THR B 210 9.89 -34.22 -1.68
CA THR B 210 8.86 -34.63 -0.75
C THR B 210 9.09 -36.07 -0.32
N ARG B 211 8.34 -36.51 0.70
CA ARG B 211 8.46 -37.91 1.10
C ARG B 211 8.09 -38.84 -0.04
N GLY B 212 7.18 -38.40 -0.92
CA GLY B 212 6.78 -39.16 -2.08
C GLY B 212 7.74 -39.11 -3.24
N GLY B 213 8.80 -38.30 -3.13
CA GLY B 213 9.85 -38.24 -4.11
C GLY B 213 9.75 -37.14 -5.14
N VAL B 214 8.88 -36.15 -4.92
CA VAL B 214 8.71 -35.04 -5.86
C VAL B 214 9.82 -34.02 -5.61
N PRO B 215 10.68 -33.75 -6.60
CA PRO B 215 11.74 -32.76 -6.38
C PRO B 215 11.17 -31.36 -6.34
N PHE B 216 11.74 -30.53 -5.45
CA PHE B 216 11.43 -29.10 -5.47
C PHE B 216 12.66 -28.32 -5.04
N LYS B 217 12.66 -27.02 -5.34
CA LYS B 217 13.71 -26.12 -4.92
C LYS B 217 13.12 -25.04 -4.02
N VAL B 218 13.90 -24.60 -3.04
CA VAL B 218 13.56 -23.40 -2.29
C VAL B 218 14.59 -22.35 -2.66
N ILE B 219 14.12 -21.25 -3.25
CA ILE B 219 14.98 -20.22 -3.83
C ILE B 219 14.75 -18.97 -3.00
N ALA B 220 15.79 -18.51 -2.30
CA ALA B 220 15.64 -17.48 -1.29
C ALA B 220 16.52 -16.27 -1.61
N LYS B 221 15.99 -15.08 -1.35
CA LYS B 221 16.82 -13.91 -1.25
C LYS B 221 16.88 -13.47 0.21
N ASN B 222 17.91 -12.71 0.55
CA ASN B 222 18.00 -12.15 1.89
C ASN B 222 18.00 -10.62 1.80
N ARG B 223 18.24 -9.98 2.94
CA ARG B 223 18.14 -8.53 3.03
C ARG B 223 19.14 -7.81 2.14
N LYS B 224 20.19 -8.48 1.67
CA LYS B 224 21.17 -7.81 0.82
C LYS B 224 20.72 -7.71 -0.63
N TRP B 225 19.71 -8.48 -1.02
CA TRP B 225 19.34 -8.59 -2.43
C TRP B 225 18.65 -7.32 -2.92
N GLY B 226 19.11 -6.80 -4.06
CA GLY B 226 18.53 -5.59 -4.61
C GLY B 226 18.14 -5.68 -6.08
N LYS B 227 18.27 -6.85 -6.68
CA LYS B 227 17.99 -7.02 -8.09
C LYS B 227 16.58 -7.57 -8.29
N ASP B 228 16.29 -8.09 -9.50
CA ASP B 228 14.98 -8.66 -9.82
C ASP B 228 14.93 -10.10 -9.33
N PHE B 229 14.17 -10.34 -8.26
CA PHE B 229 14.05 -11.69 -7.70
C PHE B 229 13.71 -12.70 -8.78
N TRP B 230 12.78 -12.36 -9.66
CA TRP B 230 12.29 -13.33 -10.62
C TRP B 230 13.25 -13.49 -11.80
N ASN B 231 13.68 -12.40 -12.42
CA ASN B 231 14.49 -12.52 -13.62
C ASN B 231 15.97 -12.67 -13.33
N ASP B 232 16.44 -12.23 -12.17
CA ASP B 232 17.87 -12.31 -11.88
C ASP B 232 18.23 -13.44 -10.92
N LEU B 233 17.25 -14.01 -10.22
CA LEU B 233 17.53 -15.15 -9.35
C LEU B 233 16.72 -16.39 -9.74
N VAL B 234 15.38 -16.32 -9.78
CA VAL B 234 14.60 -17.54 -9.97
C VAL B 234 14.84 -18.11 -11.37
N GLY B 235 14.63 -17.31 -12.41
CA GLY B 235 14.86 -17.73 -13.77
C GLY B 235 16.22 -18.38 -13.98
N PRO B 236 17.29 -17.67 -13.62
CA PRO B 236 18.62 -18.23 -13.79
C PRO B 236 18.87 -19.49 -12.97
N THR B 237 18.27 -19.61 -11.78
CA THR B 237 18.41 -20.82 -10.99
C THR B 237 17.70 -22.01 -11.64
N LEU B 238 16.55 -21.77 -12.28
CA LEU B 238 15.81 -22.82 -12.95
C LEU B 238 16.33 -23.12 -14.35
N LYS B 239 17.21 -22.26 -14.87
CA LYS B 239 17.68 -22.35 -16.26
C LYS B 239 16.50 -22.31 -17.22
N ALA B 240 15.57 -21.41 -16.94
CA ALA B 240 14.39 -21.20 -17.76
C ALA B 240 13.93 -19.76 -17.55
N ASP B 241 13.30 -19.17 -18.56
CA ASP B 241 12.80 -17.81 -18.40
C ASP B 241 11.48 -17.81 -17.64
N MET B 242 11.34 -16.88 -16.71
CA MET B 242 10.03 -16.66 -16.13
C MET B 242 9.09 -16.07 -17.18
N TYR B 243 7.84 -16.52 -17.15
CA TYR B 243 6.82 -16.01 -18.07
C TYR B 243 6.28 -14.72 -17.46
N VAL B 244 6.87 -13.58 -17.82
CA VAL B 244 6.57 -12.31 -17.18
C VAL B 244 5.88 -11.33 -18.12
N GLU B 245 5.73 -11.64 -19.40
CA GLU B 245 5.38 -10.59 -20.35
C GLU B 245 4.01 -9.97 -20.07
N THR B 246 3.07 -10.69 -19.44
CA THR B 246 1.79 -10.09 -19.09
C THR B 246 1.67 -9.83 -17.58
N TRP B 247 2.77 -9.83 -16.85
CA TRP B 247 2.73 -9.50 -15.43
C TRP B 247 2.43 -8.02 -15.22
N ILE B 248 1.65 -7.73 -14.19
CA ILE B 248 1.54 -6.37 -13.68
C ILE B 248 2.66 -6.21 -12.66
N ARG B 249 3.66 -5.38 -12.97
CA ARG B 249 4.80 -5.19 -12.09
C ARG B 249 4.85 -3.78 -11.51
N GLY B 250 3.80 -3.00 -11.72
CA GLY B 250 3.71 -1.65 -11.23
C GLY B 250 2.32 -1.14 -11.53
N LYS B 251 2.11 0.14 -11.35
CA LYS B 251 0.77 0.69 -11.49
C LYS B 251 0.52 1.20 -12.91
N ILE B 252 -0.59 0.80 -13.51
CA ILE B 252 -1.07 1.46 -14.73
C ILE B 252 -1.83 2.72 -14.32
N PRO B 253 -1.50 3.88 -14.87
CA PRO B 253 -2.25 5.09 -14.51
C PRO B 253 -3.68 4.98 -15.02
N PRO B 254 -4.59 5.80 -14.50
CA PRO B 254 -5.94 5.84 -15.08
C PRO B 254 -5.88 6.13 -16.57
N VAL B 255 -6.78 5.49 -17.33
CA VAL B 255 -6.78 5.54 -18.79
C VAL B 255 -8.03 6.25 -19.27
N LEU B 256 -7.86 7.07 -20.32
CA LEU B 256 -8.95 7.87 -20.87
C LEU B 256 -10.06 6.98 -21.42
N ASP B 257 -11.28 7.25 -21.00
CA ASP B 257 -12.47 6.70 -21.63
C ASP B 257 -12.90 7.67 -22.72
N SER B 258 -13.51 8.79 -22.32
CA SER B 258 -14.00 9.79 -23.25
C SER B 258 -14.26 11.08 -22.50
N ASP B 259 -14.20 12.19 -23.23
CA ASP B 259 -14.52 13.52 -22.69
C ASP B 259 -13.66 13.85 -21.47
N GLY B 260 -12.41 13.38 -21.47
CA GLY B 260 -11.50 13.69 -20.40
C GLY B 260 -11.67 12.89 -19.13
N VAL B 261 -12.65 11.99 -19.06
CA VAL B 261 -12.81 11.15 -17.87
C VAL B 261 -11.88 9.95 -17.98
N HIS B 262 -10.95 9.84 -17.05
CA HIS B 262 -10.02 8.73 -16.98
C HIS B 262 -10.46 7.77 -15.89
N LYS B 263 -10.33 6.47 -16.16
CA LYS B 263 -10.85 5.42 -15.30
C LYS B 263 -9.78 4.36 -15.08
N THR B 264 -9.97 3.55 -14.04
CA THR B 264 -9.15 2.35 -13.92
C THR B 264 -9.55 1.36 -14.99
N TYR B 265 -8.61 1.02 -15.87
CA TYR B 265 -8.75 -0.13 -16.75
C TYR B 265 -7.69 -1.13 -16.34
N ASP B 266 -8.12 -2.29 -15.85
CA ASP B 266 -7.18 -3.21 -15.22
C ASP B 266 -6.28 -3.87 -16.26
N ILE B 267 -6.83 -4.14 -17.44
CA ILE B 267 -6.16 -4.72 -18.61
C ILE B 267 -5.80 -6.18 -18.39
N LYS B 268 -5.04 -6.49 -17.34
CA LYS B 268 -4.65 -7.86 -17.05
C LYS B 268 -5.53 -8.46 -15.96
N PHE B 269 -6.12 -9.61 -16.27
CA PHE B 269 -7.03 -10.33 -15.39
C PHE B 269 -6.52 -11.74 -15.21
N ILE B 270 -6.90 -12.34 -14.08
CA ILE B 270 -6.67 -13.74 -13.81
C ILE B 270 -8.03 -14.44 -13.86
N ASP B 271 -8.11 -15.49 -14.65
CA ASP B 271 -9.39 -16.06 -15.10
C ASP B 271 -9.38 -17.54 -14.78
N LEU B 272 -10.23 -18.00 -13.85
CA LEU B 272 -10.27 -19.43 -13.52
C LEU B 272 -11.43 -20.16 -14.16
N ARG B 273 -12.15 -19.54 -15.10
CA ARG B 273 -13.40 -20.13 -15.58
C ARG B 273 -13.19 -21.44 -16.33
N LYS B 274 -12.03 -21.61 -16.98
CA LYS B 274 -11.76 -22.88 -17.65
C LYS B 274 -11.61 -24.03 -16.66
N LEU B 275 -11.35 -23.73 -15.40
CA LEU B 275 -11.18 -24.73 -14.37
C LEU B 275 -12.48 -25.03 -13.62
N GLY B 276 -13.61 -24.52 -14.12
CA GLY B 276 -14.87 -24.73 -13.43
C GLY B 276 -15.12 -23.81 -12.27
N ALA B 277 -14.24 -22.84 -12.04
CA ALA B 277 -14.40 -21.86 -10.98
C ALA B 277 -14.83 -20.56 -11.64
N PRO B 278 -16.12 -20.15 -11.51
CA PRO B 278 -16.71 -19.17 -12.44
C PRO B 278 -16.40 -17.71 -12.12
N TRP B 279 -15.10 -17.40 -11.99
CA TRP B 279 -14.66 -16.08 -11.56
C TRP B 279 -13.42 -15.67 -12.33
N ALA B 280 -13.34 -14.38 -12.67
CA ALA B 280 -12.17 -13.75 -13.27
C ALA B 280 -12.04 -12.35 -12.66
N TRP B 281 -10.83 -11.91 -12.38
CA TRP B 281 -10.68 -10.69 -11.59
C TRP B 281 -9.39 -9.97 -11.98
N PRO B 282 -9.24 -8.69 -11.57
CA PRO B 282 -8.01 -7.97 -11.91
C PRO B 282 -6.80 -8.56 -11.19
N GLU B 283 -5.67 -8.62 -11.91
CA GLU B 283 -4.44 -9.02 -11.24
C GLU B 283 -4.11 -8.12 -10.05
N THR B 284 -4.53 -6.85 -10.07
CA THR B 284 -4.25 -6.00 -8.93
C THR B 284 -5.03 -6.40 -7.68
N GLN B 285 -6.05 -7.27 -7.81
CA GLN B 285 -6.76 -7.81 -6.65
C GLN B 285 -6.24 -9.19 -6.29
N ASP B 286 -4.97 -9.46 -6.60
CA ASP B 286 -4.34 -10.75 -6.40
C ASP B 286 -3.01 -10.53 -5.72
N HIS B 287 -2.69 -11.37 -4.72
CA HIS B 287 -1.36 -11.25 -4.11
C HIS B 287 -0.25 -11.50 -5.13
N ALA B 288 -0.53 -12.33 -6.12
CA ALA B 288 0.36 -12.53 -7.28
C ALA B 288 1.76 -12.95 -6.83
N LYS B 289 1.80 -13.95 -5.95
CA LYS B 289 3.04 -14.47 -5.42
C LYS B 289 3.36 -15.84 -6.02
N TRP B 290 2.85 -16.08 -7.22
CA TRP B 290 3.17 -17.27 -7.99
C TRP B 290 3.65 -16.84 -9.37
N GLY B 291 4.36 -17.76 -10.04
CA GLY B 291 4.80 -17.50 -11.39
C GLY B 291 5.14 -18.83 -12.03
N ILE B 292 5.12 -18.84 -13.37
CA ILE B 292 5.53 -20.02 -14.13
C ILE B 292 6.58 -19.63 -15.14
N THR B 293 7.33 -20.63 -15.62
CA THR B 293 8.32 -20.39 -16.65
C THR B 293 7.72 -20.56 -18.04
N THR B 294 8.44 -20.09 -19.06
CA THR B 294 7.95 -20.24 -20.42
C THR B 294 8.17 -21.63 -20.98
N THR B 295 9.12 -22.39 -20.43
CA THR B 295 9.36 -23.77 -20.82
C THR B 295 9.67 -24.58 -19.57
N ASP B 296 9.62 -25.90 -19.72
CA ASP B 296 10.02 -26.89 -18.72
CA ASP B 296 10.04 -26.87 -18.70
C ASP B 296 9.10 -26.93 -17.50
N ASN B 297 7.91 -26.31 -17.59
CA ASN B 297 6.80 -26.62 -16.69
C ASN B 297 7.06 -26.27 -15.22
N TRP B 298 7.88 -25.26 -14.94
CA TRP B 298 8.11 -24.86 -13.56
C TRP B 298 6.95 -24.02 -13.02
N VAL B 299 6.50 -24.36 -11.81
CA VAL B 299 5.52 -23.60 -11.05
C VAL B 299 6.22 -23.10 -9.80
N CYS B 300 6.12 -21.81 -9.54
CA CYS B 300 6.70 -21.19 -8.35
C CYS B 300 5.59 -20.62 -7.49
N VAL B 301 5.60 -20.95 -6.22
CA VAL B 301 4.65 -20.42 -5.24
C VAL B 301 5.48 -19.94 -4.06
N GLY B 302 5.27 -18.69 -3.64
CA GLY B 302 6.15 -18.20 -2.59
C GLY B 302 5.74 -16.92 -1.91
N ASP B 303 6.74 -16.19 -1.40
CA ASP B 303 6.56 -15.03 -0.55
C ASP B 303 6.63 -13.71 -1.31
N ILE B 304 7.20 -13.71 -2.51
CA ILE B 304 7.59 -12.48 -3.21
C ILE B 304 6.62 -12.28 -4.37
N ASN B 305 6.05 -11.08 -4.47
CA ASN B 305 5.12 -10.83 -5.55
C ASN B 305 5.87 -10.32 -6.79
N ARG B 306 5.12 -9.80 -7.77
CA ARG B 306 5.66 -9.47 -9.08
C ARG B 306 6.08 -8.01 -9.21
N MET B 307 5.88 -7.18 -8.19
CA MET B 307 6.18 -5.76 -8.31
C MET B 307 7.68 -5.53 -8.44
N VAL B 308 8.05 -4.60 -9.32
CA VAL B 308 9.46 -4.20 -9.44
C VAL B 308 9.95 -3.62 -8.13
N THR B 309 9.11 -2.84 -7.46
CA THR B 309 9.50 -2.22 -6.20
C THR B 309 9.40 -3.25 -5.08
N GLN B 310 10.50 -3.44 -4.35
CA GLN B 310 10.55 -4.42 -3.27
C GLN B 310 11.32 -3.83 -2.10
N GLU B 311 11.06 -4.37 -0.92
CA GLU B 311 11.82 -4.00 0.27
C GLU B 311 13.05 -4.89 0.43
N LYS B 312 14.05 -4.38 1.15
CA LYS B 312 15.26 -5.16 1.43
C LYS B 312 14.97 -6.04 2.65
N ARG B 313 14.29 -7.15 2.39
CA ARG B 313 13.88 -8.12 3.40
C ARG B 313 13.99 -9.51 2.80
N GLY B 314 14.14 -10.50 3.66
CA GLY B 314 14.25 -11.87 3.17
C GLY B 314 12.92 -12.40 2.67
N GLY B 315 13.01 -13.49 1.92
CA GLY B 315 11.85 -14.19 1.41
C GLY B 315 12.28 -15.11 0.30
N GLY B 316 11.37 -15.97 -0.13
CA GLY B 316 11.77 -16.91 -1.17
C GLY B 316 10.56 -17.52 -1.84
N THR B 317 10.82 -18.48 -2.72
CA THR B 317 9.73 -19.15 -3.42
C THR B 317 10.05 -20.64 -3.52
N ILE B 318 9.00 -21.46 -3.58
CA ILE B 318 9.13 -22.88 -3.86
C ILE B 318 8.95 -23.08 -5.36
N ALA B 319 9.86 -23.81 -6.00
CA ALA B 319 9.72 -24.12 -7.42
C ALA B 319 9.65 -25.64 -7.62
N PHE B 320 8.74 -26.09 -8.47
CA PHE B 320 8.69 -27.51 -8.77
C PHE B 320 8.12 -27.67 -10.17
N GLN B 321 8.34 -28.82 -10.78
CA GLN B 321 7.87 -29.04 -12.14
C GLN B 321 6.56 -29.81 -12.12
N ASP B 322 5.57 -29.31 -12.85
CA ASP B 322 4.27 -29.98 -12.86
C ASP B 322 3.53 -29.63 -14.15
N PRO B 323 3.62 -30.48 -15.18
CA PRO B 323 2.98 -30.13 -16.46
C PRO B 323 1.51 -29.81 -16.34
N LYS B 324 0.76 -30.52 -15.49
CA LYS B 324 -0.67 -30.26 -15.41
C LYS B 324 -0.96 -28.92 -14.75
N LEU B 325 -0.31 -28.65 -13.62
CA LEU B 325 -0.57 -27.38 -12.96
C LEU B 325 -0.03 -26.21 -13.77
N TRP B 326 1.09 -26.42 -14.46
CA TRP B 326 1.67 -25.36 -15.30
C TRP B 326 0.67 -24.96 -16.37
N LYS B 327 0.07 -25.94 -17.03
CA LYS B 327 -0.88 -25.63 -18.09
C LYS B 327 -2.10 -24.88 -17.55
N ALA B 328 -2.63 -25.32 -16.41
CA ALA B 328 -3.79 -24.66 -15.83
C ALA B 328 -3.47 -23.21 -15.50
N LEU B 329 -2.30 -22.97 -14.92
CA LEU B 329 -1.96 -21.59 -14.54
C LEU B 329 -1.66 -20.74 -15.77
N CYS B 330 -1.02 -21.33 -16.78
CA CYS B 330 -0.79 -20.61 -18.03
C CYS B 330 -2.10 -20.09 -18.61
N GLU B 331 -3.13 -20.92 -18.59
CA GLU B 331 -4.38 -20.60 -19.26
C GLU B 331 -5.27 -19.67 -18.44
N THR B 332 -4.82 -19.20 -17.28
CA THR B 332 -5.58 -18.21 -16.50
C THR B 332 -5.39 -16.78 -17.00
N ASP B 333 -4.46 -16.52 -17.93
CA ASP B 333 -4.30 -15.18 -18.48
C ASP B 333 -5.59 -14.71 -19.14
N LEU B 334 -5.91 -13.44 -18.93
CA LEU B 334 -6.99 -12.78 -19.67
C LEU B 334 -6.60 -11.32 -19.85
N ILE B 335 -6.55 -10.87 -21.11
CA ILE B 335 -6.21 -9.49 -21.46
C ILE B 335 -7.44 -8.83 -22.06
N ILE B 336 -7.89 -7.73 -21.44
CA ILE B 336 -9.00 -6.95 -21.98
C ILE B 336 -8.48 -5.55 -22.26
N PRO B 337 -8.41 -5.12 -23.52
CA PRO B 337 -7.90 -3.78 -23.81
C PRO B 337 -8.86 -2.71 -23.33
N PRO B 338 -8.36 -1.52 -22.99
CA PRO B 338 -9.24 -0.37 -22.76
C PRO B 338 -10.02 -0.04 -24.02
N PRO B 339 -11.07 0.79 -23.91
CA PRO B 339 -11.91 1.07 -25.08
C PRO B 339 -11.13 1.65 -26.24
N GLY B 340 -11.35 1.08 -27.42
CA GLY B 340 -10.71 1.55 -28.64
C GLY B 340 -9.29 1.07 -28.85
N LYS B 341 -8.76 0.22 -27.98
CA LYS B 341 -7.38 -0.22 -28.05
C LYS B 341 -7.30 -1.67 -28.50
N THR B 342 -6.18 -2.01 -29.14
CA THR B 342 -5.94 -3.37 -29.59
C THR B 342 -5.30 -4.20 -28.49
N ASP B 343 -5.23 -5.50 -28.75
CA ASP B 343 -4.52 -6.40 -27.84
C ASP B 343 -3.05 -6.03 -27.74
N ALA B 344 -2.42 -5.67 -28.87
CA ALA B 344 -1.02 -5.26 -28.84
C ALA B 344 -0.84 -4.00 -27.99
N GLN B 345 -1.74 -3.02 -28.14
CA GLN B 345 -1.65 -1.81 -27.32
C GLN B 345 -1.83 -2.13 -25.85
N ALA B 346 -2.78 -3.02 -25.54
CA ALA B 346 -2.98 -3.44 -24.14
C ALA B 346 -1.73 -4.11 -23.58
N ARG B 347 -1.11 -5.00 -24.36
CA ARG B 347 0.11 -5.65 -23.91
C ARG B 347 1.24 -4.66 -23.72
N ALA B 348 1.31 -3.61 -24.54
CA ALA B 348 2.34 -2.60 -24.35
C ALA B 348 2.14 -1.83 -23.05
N MET B 349 0.88 -1.55 -22.69
CA MET B 349 0.61 -0.85 -21.43
C MET B 349 0.96 -1.73 -20.24
N ILE B 350 0.73 -3.04 -20.32
CA ILE B 350 1.15 -3.95 -19.26
C ILE B 350 2.66 -3.94 -19.13
N ARG B 351 3.37 -4.09 -20.26
CA ARG B 351 4.83 -4.17 -20.19
C ARG B 351 5.44 -2.89 -19.65
N LYS B 352 4.77 -1.76 -19.82
CA LYS B 352 5.30 -0.50 -19.31
C LYS B 352 5.39 -0.53 -17.78
N THR B 353 4.56 -1.33 -17.11
CA THR B 353 4.66 -1.43 -15.66
C THR B 353 5.94 -2.13 -15.22
N HIS B 354 6.68 -2.74 -16.15
CA HIS B 354 7.94 -3.36 -15.81
C HIS B 354 9.08 -2.35 -15.70
N GLU B 355 8.84 -1.10 -16.10
CA GLU B 355 9.87 -0.06 -16.01
C GLU B 355 9.94 0.46 -14.58
N PRO B 356 11.14 0.56 -13.99
CA PRO B 356 11.34 1.03 -12.61
C PRO B 356 10.75 2.43 -12.34
C1 EDO C . -1.08 20.78 8.19
O1 EDO C . 0.31 20.46 7.96
C2 EDO C . -1.26 21.16 9.64
O2 EDO C . -1.01 20.03 10.46
C1 EDO D . 8.58 -19.80 0.72
O1 EDO D . 8.24 -19.32 2.03
C2 EDO D . 10.06 -20.15 0.66
O2 EDO D . 10.78 -19.09 1.30
#